data_2K44
#
_entry.id   2K44
#
_entity_poly.entity_id   1
_entity_poly.type   'polypeptide(L)'
_entity_poly.pdbx_seq_one_letter_code
;PVFVSVYLNRSWLGLRFLRALRLIQFSE
;
_entity_poly.pdbx_strand_id   A
#
# COMPACT_ATOMS: atom_id res chain seq x y z
N PRO A 1 11.48 8.47 -5.81
CA PRO A 1 11.33 7.05 -5.49
C PRO A 1 11.28 6.79 -3.99
N VAL A 2 11.03 5.54 -3.61
CA VAL A 2 10.96 5.16 -2.20
C VAL A 2 9.77 5.83 -1.52
N PHE A 3 8.86 6.38 -2.32
CA PHE A 3 7.67 7.05 -1.79
C PHE A 3 6.47 6.12 -1.81
N VAL A 4 6.49 5.14 -2.72
CA VAL A 4 5.40 4.18 -2.83
C VAL A 4 5.67 2.94 -1.99
N SER A 5 6.92 2.51 -1.97
CA SER A 5 7.31 1.33 -1.22
C SER A 5 7.16 1.57 0.29
N VAL A 6 7.31 2.83 0.69
CA VAL A 6 7.19 3.21 2.09
C VAL A 6 5.73 3.36 2.49
N TYR A 7 4.88 3.65 1.51
CA TYR A 7 3.46 3.83 1.76
C TYR A 7 2.70 2.51 1.60
N LEU A 8 3.26 1.61 0.80
CA LEU A 8 2.65 0.31 0.57
C LEU A 8 3.18 -0.73 1.54
N ASN A 9 4.21 -0.36 2.29
CA ASN A 9 4.81 -1.26 3.27
C ASN A 9 4.15 -1.10 4.63
N ARG A 10 4.10 0.13 5.13
CA ARG A 10 3.50 0.41 6.42
C ARG A 10 2.00 0.18 6.39
N SER A 11 1.41 0.25 5.18
CA SER A 11 -0.02 0.05 5.01
C SER A 11 -0.38 -1.43 5.15
N TRP A 12 0.61 -2.29 4.95
CA TRP A 12 0.39 -3.74 5.04
C TRP A 12 -0.03 -4.12 6.45
N LEU A 13 0.57 -3.48 7.46
CA LEU A 13 0.26 -3.75 8.85
C LEU A 13 -0.47 -2.58 9.49
N GLY A 14 -0.54 -1.47 8.77
CA GLY A 14 -1.22 -0.29 9.28
C GLY A 14 -2.73 -0.38 9.15
N LEU A 15 -3.18 -1.19 8.19
CA LEU A 15 -4.61 -1.36 7.96
C LEU A 15 -4.92 -2.78 7.52
N ARG A 16 -4.24 -3.74 8.12
CA ARG A 16 -4.44 -5.16 7.80
C ARG A 16 -4.34 -5.39 6.30
N PHE A 17 -3.40 -4.68 5.66
CA PHE A 17 -3.20 -4.81 4.22
C PHE A 17 -4.43 -4.31 3.45
N LEU A 18 -5.03 -3.24 3.95
CA LEU A 18 -6.21 -2.66 3.32
C LEU A 18 -5.90 -1.28 2.75
N ARG A 19 -5.01 -0.55 3.42
CA ARG A 19 -4.61 0.79 2.98
C ARG A 19 -3.69 0.71 1.77
N ALA A 20 -3.02 -0.43 1.61
CA ALA A 20 -2.11 -0.63 0.50
C ALA A 20 -2.76 -1.46 -0.60
N LEU A 21 -3.52 -2.46 -0.21
CA LEU A 21 -4.21 -3.33 -1.16
C LEU A 21 -5.14 -2.53 -2.06
N ARG A 22 -5.50 -1.34 -1.62
CA ARG A 22 -6.38 -0.47 -2.38
C ARG A 22 -5.58 0.49 -3.27
N LEU A 23 -4.27 0.54 -3.05
CA LEU A 23 -3.40 1.40 -3.82
C LEU A 23 -2.57 0.59 -4.81
N ILE A 24 -2.42 -0.70 -4.54
CA ILE A 24 -1.65 -1.58 -5.41
C ILE A 24 -2.57 -2.32 -6.38
N GLN A 25 -3.86 -2.32 -6.08
CA GLN A 25 -4.85 -2.99 -6.93
C GLN A 25 -5.67 -1.97 -7.71
N PHE A 26 -5.59 -0.71 -7.31
CA PHE A 26 -6.33 0.36 -7.98
C PHE A 26 -5.71 0.68 -9.33
N SER A 27 -4.38 0.61 -9.41
CA SER A 27 -3.67 0.90 -10.64
C SER A 27 -4.04 -0.09 -11.73
N GLU A 28 -4.24 -1.35 -11.34
CA GLU A 28 -4.62 -2.39 -12.29
C GLU A 28 -3.59 -2.51 -13.41
N PRO A 1 9.41 5.23 -6.41
CA PRO A 1 10.57 4.36 -6.16
C PRO A 1 10.75 4.05 -4.68
N VAL A 2 10.76 5.10 -3.86
CA VAL A 2 10.94 4.94 -2.42
C VAL A 2 9.83 5.65 -1.66
N PHE A 3 8.95 6.32 -2.40
CA PHE A 3 7.83 7.05 -1.79
C PHE A 3 6.57 6.20 -1.78
N VAL A 4 6.54 5.18 -2.64
CA VAL A 4 5.39 4.30 -2.75
C VAL A 4 5.61 3.02 -1.96
N SER A 5 6.83 2.51 -1.99
CA SER A 5 7.18 1.28 -1.28
C SER A 5 7.10 1.49 0.23
N VAL A 6 7.36 2.72 0.66
CA VAL A 6 7.32 3.05 2.08
C VAL A 6 5.89 3.33 2.54
N TYR A 7 5.03 3.69 1.59
CA TYR A 7 3.64 3.98 1.89
C TYR A 7 2.77 2.75 1.74
N LEU A 8 3.22 1.81 0.90
CA LEU A 8 2.49 0.58 0.66
C LEU A 8 2.98 -0.53 1.59
N ASN A 9 4.06 -0.27 2.30
CA ASN A 9 4.63 -1.25 3.22
C ASN A 9 3.99 -1.12 4.60
N ARG A 10 4.05 0.07 5.17
CA ARG A 10 3.48 0.33 6.49
C ARG A 10 1.96 0.13 6.47
N SER A 11 1.35 0.39 5.32
CA SER A 11 -0.09 0.25 5.17
C SER A 11 -0.50 -1.22 5.14
N TRP A 12 0.46 -2.08 4.80
CA TRP A 12 0.21 -3.52 4.72
C TRP A 12 -0.21 -4.06 6.08
N LEU A 13 0.42 -3.57 7.14
CA LEU A 13 0.12 -4.01 8.49
C LEU A 13 -0.57 -2.90 9.28
N GLY A 14 -0.59 -1.70 8.71
CA GLY A 14 -1.22 -0.57 9.38
C GLY A 14 -2.73 -0.54 9.17
N LEU A 15 -3.19 -1.19 8.12
CA LEU A 15 -4.61 -1.24 7.80
C LEU A 15 -5.03 -2.65 7.39
N ARG A 16 -4.38 -3.65 7.96
CA ARG A 16 -4.69 -5.04 7.65
C ARG A 16 -4.69 -5.28 6.15
N PHE A 17 -3.76 -4.62 5.45
CA PHE A 17 -3.65 -4.76 4.00
C PHE A 17 -4.89 -4.19 3.31
N LEU A 18 -5.35 -3.05 3.79
CA LEU A 18 -6.52 -2.39 3.22
C LEU A 18 -6.15 -1.04 2.61
N ARG A 19 -5.25 -0.33 3.27
CA ARG A 19 -4.80 0.98 2.81
C ARG A 19 -3.84 0.84 1.64
N ALA A 20 -3.24 -0.34 1.50
CA ALA A 20 -2.31 -0.60 0.42
C ALA A 20 -2.94 -1.43 -0.68
N LEU A 21 -3.75 -2.41 -0.27
CA LEU A 21 -4.42 -3.29 -1.23
C LEU A 21 -5.33 -2.49 -2.16
N ARG A 22 -5.67 -1.27 -1.75
CA ARG A 22 -6.52 -0.40 -2.55
C ARG A 22 -5.69 0.54 -3.41
N LEU A 23 -4.38 0.55 -3.17
CA LEU A 23 -3.47 1.41 -3.93
C LEU A 23 -2.63 0.57 -4.89
N ILE A 24 -2.50 -0.71 -4.61
CA ILE A 24 -1.72 -1.62 -5.44
C ILE A 24 -2.62 -2.37 -6.41
N GLN A 25 -3.92 -2.35 -6.15
CA GLN A 25 -4.88 -3.03 -7.01
C GLN A 25 -5.68 -2.03 -7.83
N PHE A 26 -5.62 -0.76 -7.44
CA PHE A 26 -6.35 0.30 -8.13
C PHE A 26 -5.71 0.59 -9.49
N SER A 27 -4.39 0.49 -9.54
CA SER A 27 -3.65 0.75 -10.78
C SER A 27 -3.60 -0.49 -11.66
N GLU A 28 -3.61 -1.66 -11.02
CA GLU A 28 -3.58 -2.92 -11.74
C GLU A 28 -2.38 -2.97 -12.69
N PRO A 1 9.25 4.51 -7.02
CA PRO A 1 10.41 4.81 -6.18
C PRO A 1 10.25 4.27 -4.76
N VAL A 2 11.17 4.65 -3.87
CA VAL A 2 11.13 4.21 -2.48
C VAL A 2 10.02 4.93 -1.71
N PHE A 3 9.41 5.92 -2.36
CA PHE A 3 8.32 6.67 -1.74
C PHE A 3 7.04 5.87 -1.69
N VAL A 4 6.90 4.93 -2.64
CA VAL A 4 5.71 4.09 -2.69
C VAL A 4 5.89 2.82 -1.86
N SER A 5 7.11 2.28 -1.88
CA SER A 5 7.41 1.07 -1.13
C SER A 5 7.30 1.32 0.37
N VAL A 6 7.60 2.55 0.79
CA VAL A 6 7.55 2.93 2.19
C VAL A 6 6.11 3.22 2.62
N TYR A 7 5.27 3.57 1.66
CA TYR A 7 3.88 3.89 1.94
C TYR A 7 2.99 2.65 1.80
N LEU A 8 3.45 1.70 0.98
CA LEU A 8 2.71 0.46 0.76
C LEU A 8 3.18 -0.64 1.71
N ASN A 9 4.26 -0.35 2.44
CA ASN A 9 4.81 -1.32 3.40
C ASN A 9 4.17 -1.15 4.77
N ARG A 10 4.21 0.08 5.28
CA ARG A 10 3.65 0.38 6.59
C ARG A 10 2.12 0.20 6.57
N SER A 11 1.52 0.41 5.42
CA SER A 11 0.07 0.29 5.27
C SER A 11 -0.34 -1.18 5.27
N TRP A 12 0.61 -2.05 4.95
CA TRP A 12 0.34 -3.49 4.92
C TRP A 12 -0.09 -4.00 6.29
N LEU A 13 0.55 -3.48 7.33
CA LEU A 13 0.23 -3.89 8.70
C LEU A 13 -0.45 -2.74 9.46
N GLY A 14 -0.45 -1.55 8.86
CA GLY A 14 -1.06 -0.41 9.49
C GLY A 14 -2.57 -0.36 9.28
N LEU A 15 -3.03 -1.05 8.25
CA LEU A 15 -4.45 -1.09 7.93
C LEU A 15 -4.89 -2.49 7.50
N ARG A 16 -4.24 -3.50 8.08
CA ARG A 16 -4.56 -4.89 7.75
C ARG A 16 -4.52 -5.11 6.25
N PHE A 17 -3.58 -4.47 5.58
CA PHE A 17 -3.43 -4.60 4.14
C PHE A 17 -4.64 -4.01 3.41
N LEU A 18 -5.12 -2.87 3.90
CA LEU A 18 -6.27 -2.21 3.30
C LEU A 18 -5.88 -0.86 2.70
N ARG A 19 -4.95 -0.18 3.36
CA ARG A 19 -4.47 1.12 2.89
C ARG A 19 -3.56 0.96 1.68
N ALA A 20 -2.97 -0.22 1.54
CA ALA A 20 -2.07 -0.50 0.43
C ALA A 20 -2.78 -1.30 -0.65
N LEU A 21 -3.60 -2.25 -0.24
CA LEU A 21 -4.34 -3.11 -1.17
C LEU A 21 -5.23 -2.26 -2.08
N ARG A 22 -5.51 -1.03 -1.65
CA ARG A 22 -6.35 -0.13 -2.42
C ARG A 22 -5.51 0.77 -3.32
N LEU A 23 -4.20 0.75 -3.10
CA LEU A 23 -3.28 1.56 -3.89
C LEU A 23 -2.50 0.70 -4.88
N ILE A 24 -2.42 -0.60 -4.59
CA ILE A 24 -1.71 -1.52 -5.47
C ILE A 24 -2.67 -2.21 -6.43
N GLN A 25 -3.95 -2.16 -6.12
CA GLN A 25 -4.97 -2.77 -6.97
C GLN A 25 -5.73 -1.71 -7.77
N PHE A 26 -5.58 -0.45 -7.36
CA PHE A 26 -6.25 0.65 -8.04
C PHE A 26 -5.64 0.90 -9.41
N SER A 27 -4.33 0.71 -9.51
CA SER A 27 -3.62 0.92 -10.77
C SER A 27 -4.19 0.03 -11.87
N GLU A 28 -4.60 -1.18 -11.50
CA GLU A 28 -5.16 -2.11 -12.45
C GLU A 28 -6.64 -1.84 -12.69
N PRO A 1 10.01 6.77 -5.99
CA PRO A 1 11.05 5.74 -5.86
C PRO A 1 10.98 5.01 -4.53
N VAL A 2 10.93 5.77 -3.44
CA VAL A 2 10.86 5.19 -2.10
C VAL A 2 9.68 5.76 -1.32
N PHE A 3 8.98 6.71 -1.93
CA PHE A 3 7.83 7.34 -1.29
C PHE A 3 6.60 6.41 -1.35
N VAL A 4 6.56 5.57 -2.38
CA VAL A 4 5.45 4.65 -2.56
C VAL A 4 5.71 3.34 -1.82
N SER A 5 6.95 2.89 -1.85
CA SER A 5 7.34 1.64 -1.20
C SER A 5 7.20 1.76 0.31
N VAL A 6 7.37 2.97 0.83
CA VAL A 6 7.26 3.22 2.27
C VAL A 6 5.81 3.36 2.69
N TYR A 7 4.96 3.74 1.74
CA TYR A 7 3.53 3.91 2.01
C TYR A 7 2.77 2.62 1.74
N LEU A 8 3.32 1.79 0.86
CA LEU A 8 2.67 0.52 0.51
C LEU A 8 3.20 -0.61 1.37
N ASN A 9 4.24 -0.31 2.15
CA ASN A 9 4.84 -1.32 3.04
C ASN A 9 4.20 -1.27 4.42
N ARG A 10 4.21 -0.11 5.04
CA ARG A 10 3.63 0.07 6.37
C ARG A 10 2.10 -0.03 6.31
N SER A 11 1.56 0.10 5.10
CA SER A 11 0.12 0.04 4.92
C SER A 11 -0.37 -1.41 4.94
N TRP A 12 0.53 -2.33 4.62
CA TRP A 12 0.19 -3.75 4.60
C TRP A 12 -0.26 -4.23 5.98
N LEU A 13 0.40 -3.71 7.02
CA LEU A 13 0.06 -4.08 8.39
C LEU A 13 -0.54 -2.89 9.14
N GLY A 14 -0.52 -1.72 8.50
CA GLY A 14 -1.07 -0.53 9.12
C GLY A 14 -2.57 -0.42 8.94
N LEU A 15 -3.09 -1.07 7.91
CA LEU A 15 -4.53 -1.05 7.63
C LEU A 15 -5.04 -2.45 7.29
N ARG A 16 -4.42 -3.46 7.90
CA ARG A 16 -4.82 -4.85 7.67
C ARG A 16 -4.87 -5.15 6.17
N PHE A 17 -3.92 -4.60 5.43
CA PHE A 17 -3.86 -4.82 3.98
C PHE A 17 -5.06 -4.19 3.29
N LEU A 18 -5.44 -2.99 3.75
CA LEU A 18 -6.58 -2.28 3.17
C LEU A 18 -6.13 -0.96 2.55
N ARG A 19 -5.09 -0.36 3.14
CA ARG A 19 -4.57 0.90 2.64
C ARG A 19 -3.69 0.68 1.41
N ALA A 20 -3.16 -0.52 1.28
CA ALA A 20 -2.30 -0.86 0.15
C ALA A 20 -3.05 -1.67 -0.89
N LEU A 21 -3.91 -2.57 -0.42
CA LEU A 21 -4.71 -3.42 -1.32
C LEU A 21 -5.58 -2.57 -2.23
N ARG A 22 -5.81 -1.31 -1.83
CA ARG A 22 -6.63 -0.40 -2.62
C ARG A 22 -5.76 0.42 -3.57
N LEU A 23 -4.45 0.35 -3.38
CA LEU A 23 -3.51 1.09 -4.23
C LEU A 23 -2.82 0.17 -5.21
N ILE A 24 -2.78 -1.12 -4.88
CA ILE A 24 -2.15 -2.11 -5.74
C ILE A 24 -3.17 -2.76 -6.66
N GLN A 25 -4.43 -2.64 -6.32
CA GLN A 25 -5.51 -3.22 -7.13
C GLN A 25 -6.22 -2.14 -7.94
N PHE A 26 -5.98 -0.89 -7.58
CA PHE A 26 -6.60 0.23 -8.29
C PHE A 26 -6.19 0.25 -9.76
N SER A 27 -4.91 -0.07 -10.01
CA SER A 27 -4.39 -0.09 -11.37
C SER A 27 -5.09 -1.14 -12.21
N GLU A 28 -5.50 -2.22 -11.56
CA GLU A 28 -6.19 -3.32 -12.25
C GLU A 28 -7.70 -3.16 -12.14
N PRO A 1 11.57 5.22 -6.96
CA PRO A 1 10.30 5.30 -6.25
C PRO A 1 10.37 4.67 -4.86
N VAL A 2 10.60 5.51 -3.85
CA VAL A 2 10.70 5.03 -2.48
C VAL A 2 9.61 5.65 -1.61
N PHE A 3 8.85 6.58 -2.19
CA PHE A 3 7.77 7.24 -1.46
C PHE A 3 6.55 6.34 -1.37
N VAL A 4 6.40 5.44 -2.34
CA VAL A 4 5.27 4.52 -2.36
C VAL A 4 5.57 3.25 -1.57
N SER A 5 6.78 2.72 -1.75
CA SER A 5 7.20 1.51 -1.06
C SER A 5 7.23 1.74 0.45
N VAL A 6 7.48 2.97 0.86
CA VAL A 6 7.54 3.32 2.28
C VAL A 6 6.14 3.52 2.84
N TYR A 7 5.19 3.85 1.97
CA TYR A 7 3.81 4.08 2.38
C TYR A 7 3.00 2.79 2.29
N LEU A 8 3.43 1.89 1.42
CA LEU A 8 2.74 0.61 1.23
C LEU A 8 3.31 -0.45 2.17
N ASN A 9 4.43 -0.14 2.80
CA ASN A 9 5.07 -1.06 3.73
C ASN A 9 4.37 -1.04 5.09
N ARG A 10 4.44 0.10 5.76
CA ARG A 10 3.82 0.25 7.07
C ARG A 10 2.30 0.11 6.97
N SER A 11 1.76 0.40 5.79
CA SER A 11 0.33 0.30 5.57
C SER A 11 -0.12 -1.15 5.47
N TRP A 12 0.80 -2.01 5.03
CA TRP A 12 0.51 -3.44 4.89
C TRP A 12 -0.03 -4.01 6.19
N LEU A 13 0.55 -3.61 7.30
CA LEU A 13 0.12 -4.09 8.62
C LEU A 13 -0.53 -2.97 9.42
N GLY A 14 -0.43 -1.75 8.91
CA GLY A 14 -1.02 -0.60 9.59
C GLY A 14 -2.49 -0.44 9.28
N LEU A 15 -2.92 -0.94 8.12
CA LEU A 15 -4.31 -0.86 7.71
C LEU A 15 -4.84 -2.21 7.27
N ARG A 16 -4.33 -3.28 7.89
CA ARG A 16 -4.75 -4.63 7.58
C ARG A 16 -4.67 -4.88 6.07
N PHE A 17 -3.67 -4.29 5.43
CA PHE A 17 -3.49 -4.44 3.99
C PHE A 17 -4.68 -3.86 3.22
N LEU A 18 -5.23 -2.76 3.73
CA LEU A 18 -6.37 -2.11 3.11
C LEU A 18 -5.93 -0.85 2.37
N ARG A 19 -5.09 -0.06 3.02
CA ARG A 19 -4.59 1.17 2.43
C ARG A 19 -3.62 0.89 1.30
N ALA A 20 -3.14 -0.34 1.23
CA ALA A 20 -2.21 -0.75 0.18
C ALA A 20 -2.92 -1.54 -0.91
N LEU A 21 -3.77 -2.47 -0.50
CA LEU A 21 -4.51 -3.30 -1.45
C LEU A 21 -5.41 -2.43 -2.33
N ARG A 22 -5.65 -1.20 -1.90
CA ARG A 22 -6.50 -0.28 -2.65
C ARG A 22 -5.64 0.63 -3.54
N LEU A 23 -4.33 0.58 -3.33
CA LEU A 23 -3.40 1.40 -4.11
C LEU A 23 -2.68 0.56 -5.16
N ILE A 24 -2.58 -0.73 -4.90
CA ILE A 24 -1.91 -1.65 -5.83
C ILE A 24 -2.90 -2.30 -6.77
N GLN A 25 -4.19 -2.24 -6.42
CA GLN A 25 -5.24 -2.81 -7.24
C GLN A 25 -6.01 -1.72 -7.98
N PHE A 26 -5.83 -0.48 -7.55
CA PHE A 26 -6.52 0.64 -8.16
C PHE A 26 -5.82 1.05 -9.47
N SER A 27 -4.52 0.78 -9.55
CA SER A 27 -3.75 1.12 -10.74
C SER A 27 -4.01 0.12 -11.86
N GLU A 28 -4.28 -1.12 -11.50
CA GLU A 28 -4.55 -2.17 -12.48
C GLU A 28 -5.31 -3.33 -11.85
N PRO A 1 11.30 8.32 -6.22
CA PRO A 1 10.97 6.95 -5.78
C PRO A 1 10.95 6.83 -4.26
N VAL A 2 10.77 5.60 -3.78
CA VAL A 2 10.74 5.34 -2.34
C VAL A 2 9.54 6.01 -1.69
N PHE A 3 8.59 6.46 -2.52
CA PHE A 3 7.39 7.13 -2.02
C PHE A 3 6.20 6.17 -2.02
N VAL A 4 6.26 5.15 -2.86
CA VAL A 4 5.19 4.16 -2.95
C VAL A 4 5.51 2.93 -2.12
N SER A 5 6.79 2.60 -2.02
CA SER A 5 7.22 1.44 -1.24
C SER A 5 7.08 1.72 0.26
N VAL A 6 7.18 2.98 0.64
CA VAL A 6 7.07 3.36 2.04
C VAL A 6 5.61 3.53 2.45
N TYR A 7 4.75 3.75 1.47
CA TYR A 7 3.32 3.93 1.72
C TYR A 7 2.57 2.60 1.59
N LEU A 8 3.14 1.68 0.81
CA LEU A 8 2.53 0.38 0.60
C LEU A 8 3.09 -0.65 1.59
N ASN A 9 4.12 -0.25 2.32
CA ASN A 9 4.74 -1.13 3.30
C ASN A 9 4.05 -1.02 4.65
N ARG A 10 4.01 0.19 5.20
CA ARG A 10 3.36 0.42 6.49
C ARG A 10 1.86 0.18 6.40
N SER A 11 1.31 0.32 5.19
CA SER A 11 -0.12 0.10 4.97
C SER A 11 -0.46 -1.37 5.04
N TRP A 12 0.54 -2.23 4.86
CA TRP A 12 0.34 -3.67 4.90
C TRP A 12 -0.11 -4.11 6.28
N LEU A 13 0.45 -3.50 7.31
CA LEU A 13 0.11 -3.84 8.68
C LEU A 13 -0.67 -2.70 9.34
N GLY A 14 -0.74 -1.56 8.66
CA GLY A 14 -1.45 -0.42 9.20
C GLY A 14 -2.95 -0.54 9.02
N LEU A 15 -3.37 -1.30 8.02
CA LEU A 15 -4.79 -1.49 7.75
C LEU A 15 -5.07 -2.92 7.29
N ARG A 16 -4.36 -3.88 7.88
CA ARG A 16 -4.53 -5.28 7.53
C ARG A 16 -4.41 -5.48 6.02
N PHE A 17 -3.49 -4.75 5.40
CA PHE A 17 -3.26 -4.84 3.97
C PHE A 17 -4.48 -4.34 3.19
N LEU A 18 -5.10 -3.29 3.71
CA LEU A 18 -6.27 -2.70 3.07
C LEU A 18 -5.96 -1.33 2.49
N ARG A 19 -5.13 -0.58 3.20
CA ARG A 19 -4.74 0.75 2.76
C ARG A 19 -3.78 0.69 1.58
N ALA A 20 -3.08 -0.44 1.45
CA ALA A 20 -2.14 -0.64 0.36
C ALA A 20 -2.76 -1.44 -0.77
N LEU A 21 -3.52 -2.46 -0.40
CA LEU A 21 -4.19 -3.31 -1.39
C LEU A 21 -5.13 -2.50 -2.28
N ARG A 22 -5.50 -1.31 -1.79
CA ARG A 22 -6.39 -0.44 -2.54
C ARG A 22 -5.60 0.55 -3.39
N LEU A 23 -4.30 0.61 -3.16
CA LEU A 23 -3.44 1.52 -3.90
C LEU A 23 -2.59 0.76 -4.91
N ILE A 24 -2.41 -0.54 -4.68
CA ILE A 24 -1.63 -1.38 -5.58
C ILE A 24 -2.53 -2.10 -6.57
N GLN A 25 -3.82 -2.14 -6.28
CA GLN A 25 -4.79 -2.80 -7.15
C GLN A 25 -5.61 -1.77 -7.92
N PHE A 26 -5.56 -0.52 -7.48
CA PHE A 26 -6.30 0.55 -8.13
C PHE A 26 -5.83 0.75 -9.57
N SER A 27 -4.53 0.62 -9.78
CA SER A 27 -3.96 0.78 -11.12
C SER A 27 -4.50 -0.27 -12.07
N GLU A 28 -4.77 -1.46 -11.54
CA GLU A 28 -5.29 -2.57 -12.35
C GLU A 28 -6.67 -2.22 -12.92
N PRO A 1 12.02 6.65 -6.05
CA PRO A 1 10.63 6.62 -5.59
C PRO A 1 10.47 5.81 -4.30
N VAL A 2 10.86 6.42 -3.18
CA VAL A 2 10.76 5.76 -1.89
C VAL A 2 9.54 6.25 -1.11
N PHE A 3 8.87 7.25 -1.65
CA PHE A 3 7.69 7.82 -1.01
C PHE A 3 6.50 6.86 -1.11
N VAL A 4 6.48 6.06 -2.17
CA VAL A 4 5.40 5.10 -2.37
C VAL A 4 5.72 3.77 -1.70
N SER A 5 6.99 3.41 -1.69
CA SER A 5 7.43 2.16 -1.08
C SER A 5 7.26 2.20 0.44
N VAL A 6 7.38 3.40 1.00
CA VAL A 6 7.24 3.58 2.44
C VAL A 6 5.77 3.65 2.85
N TYR A 7 4.92 4.03 1.90
CA TYR A 7 3.48 4.14 2.16
C TYR A 7 2.77 2.84 1.82
N LEU A 8 3.37 2.07 0.91
CA LEU A 8 2.80 0.79 0.50
C LEU A 8 3.34 -0.36 1.33
N ASN A 9 4.34 -0.07 2.15
CA ASN A 9 4.95 -1.08 3.01
C ASN A 9 4.32 -1.07 4.39
N ARG A 10 4.25 0.11 5.00
CA ARG A 10 3.67 0.26 6.33
C ARG A 10 2.15 0.13 6.27
N SER A 11 1.60 0.21 5.06
CA SER A 11 0.16 0.11 4.87
C SER A 11 -0.30 -1.34 4.91
N TRP A 12 0.58 -2.25 4.49
CA TRP A 12 0.27 -3.67 4.47
C TRP A 12 -0.17 -4.14 5.85
N LEU A 13 0.50 -3.63 6.88
CA LEU A 13 0.17 -4.01 8.26
C LEU A 13 -0.41 -2.82 9.02
N GLY A 14 -0.42 -1.66 8.39
CA GLY A 14 -0.95 -0.47 9.02
C GLY A 14 -2.44 -0.33 8.83
N LEU A 15 -2.97 -0.97 7.79
CA LEU A 15 -4.40 -0.92 7.49
C LEU A 15 -4.94 -2.31 7.19
N ARG A 16 -4.35 -3.32 7.82
CA ARG A 16 -4.79 -4.70 7.63
C ARG A 16 -4.84 -5.04 6.14
N PHE A 17 -3.89 -4.52 5.38
CA PHE A 17 -3.84 -4.78 3.94
C PHE A 17 -5.03 -4.14 3.23
N LEU A 18 -5.37 -2.92 3.63
CA LEU A 18 -6.50 -2.21 3.04
C LEU A 18 -6.02 -0.94 2.33
N ARG A 19 -5.04 -0.27 2.93
CA ARG A 19 -4.50 0.96 2.35
C ARG A 19 -3.58 0.65 1.18
N ALA A 20 -3.07 -0.59 1.14
CA ALA A 20 -2.18 -1.01 0.07
C ALA A 20 -2.92 -1.85 -0.96
N LEU A 21 -3.82 -2.71 -0.48
CA LEU A 21 -4.60 -3.58 -1.36
C LEU A 21 -5.47 -2.75 -2.29
N ARG A 22 -5.67 -1.48 -1.96
CA ARG A 22 -6.48 -0.58 -2.77
C ARG A 22 -5.61 0.20 -3.75
N LEU A 23 -4.30 0.15 -3.55
CA LEU A 23 -3.36 0.85 -4.41
C LEU A 23 -2.69 -0.11 -5.39
N ILE A 24 -2.65 -1.38 -5.01
CA ILE A 24 -2.04 -2.40 -5.86
C ILE A 24 -3.08 -3.06 -6.76
N GLN A 25 -4.34 -2.92 -6.40
CA GLN A 25 -5.43 -3.51 -7.17
C GLN A 25 -6.13 -2.44 -8.02
N PHE A 26 -5.86 -1.18 -7.70
CA PHE A 26 -6.47 -0.07 -8.44
C PHE A 26 -6.08 -0.12 -9.91
N SER A 27 -4.84 -0.54 -10.18
CA SER A 27 -4.35 -0.62 -11.54
C SER A 27 -5.07 -1.71 -12.33
N GLU A 28 -5.41 -2.80 -11.62
CA GLU A 28 -6.11 -3.91 -12.26
C GLU A 28 -7.61 -3.81 -12.02
N PRO A 1 12.09 5.25 -7.04
CA PRO A 1 10.70 5.32 -6.61
C PRO A 1 10.47 4.59 -5.28
N VAL A 2 10.90 5.21 -4.19
CA VAL A 2 10.75 4.62 -2.86
C VAL A 2 9.59 5.25 -2.11
N PHE A 3 9.04 6.32 -2.69
CA PHE A 3 7.91 7.02 -2.07
C PHE A 3 6.70 6.10 -1.94
N VAL A 4 6.55 5.20 -2.90
CA VAL A 4 5.43 4.26 -2.90
C VAL A 4 5.75 3.03 -2.05
N SER A 5 7.01 2.61 -2.08
CA SER A 5 7.44 1.45 -1.32
C SER A 5 7.37 1.72 0.18
N VAL A 6 7.57 2.98 0.56
CA VAL A 6 7.53 3.37 1.95
C VAL A 6 6.09 3.58 2.43
N TYR A 7 5.20 3.83 1.49
CA TYR A 7 3.79 4.05 1.80
C TYR A 7 3.00 2.74 1.70
N LEU A 8 3.51 1.81 0.90
CA LEU A 8 2.87 0.52 0.73
C LEU A 8 3.32 -0.48 1.78
N ASN A 9 4.41 -0.15 2.47
CA ASN A 9 4.96 -1.01 3.51
C ASN A 9 4.22 -0.80 4.82
N ARG A 10 4.28 0.41 5.35
CA ARG A 10 3.62 0.74 6.60
C ARG A 10 2.11 0.55 6.49
N SER A 11 1.60 0.67 5.28
CA SER A 11 0.17 0.51 5.03
C SER A 11 -0.23 -0.96 5.09
N TRP A 12 0.73 -1.84 4.89
CA TRP A 12 0.48 -3.28 4.91
C TRP A 12 0.01 -3.72 6.29
N LEU A 13 0.58 -3.11 7.33
CA LEU A 13 0.22 -3.45 8.71
C LEU A 13 -0.54 -2.30 9.36
N GLY A 14 -0.57 -1.15 8.69
CA GLY A 14 -1.27 0.00 9.21
C GLY A 14 -2.77 -0.09 9.03
N LEU A 15 -3.20 -0.88 8.06
CA LEU A 15 -4.62 -1.06 7.79
C LEU A 15 -4.92 -2.50 7.37
N ARG A 16 -4.19 -3.44 7.96
CA ARG A 16 -4.38 -4.85 7.65
C ARG A 16 -4.30 -5.09 6.14
N PHE A 17 -3.42 -4.37 5.48
CA PHE A 17 -3.25 -4.50 4.03
C PHE A 17 -4.52 -4.06 3.30
N LEU A 18 -5.13 -3.00 3.79
CA LEU A 18 -6.35 -2.47 3.19
C LEU A 18 -6.12 -1.08 2.61
N ARG A 19 -5.30 -0.29 3.30
CA ARG A 19 -4.99 1.06 2.85
C ARG A 19 -3.99 1.04 1.70
N ALA A 20 -3.27 -0.07 1.57
CA ALA A 20 -2.28 -0.21 0.51
C ALA A 20 -2.81 -1.08 -0.62
N LEU A 21 -3.53 -2.14 -0.26
CA LEU A 21 -4.11 -3.06 -1.25
C LEU A 21 -5.10 -2.33 -2.16
N ARG A 22 -5.54 -1.15 -1.71
CA ARG A 22 -6.49 -0.36 -2.48
C ARG A 22 -5.77 0.67 -3.33
N LEU A 23 -4.47 0.85 -3.08
CA LEU A 23 -3.67 1.80 -3.82
C LEU A 23 -2.78 1.09 -4.85
N ILE A 24 -2.51 -0.18 -4.59
CA ILE A 24 -1.68 -0.98 -5.49
C ILE A 24 -2.54 -1.75 -6.49
N GLN A 25 -3.83 -1.89 -6.18
CA GLN A 25 -4.75 -2.61 -7.05
C GLN A 25 -5.63 -1.63 -7.83
N PHE A 26 -5.64 -0.37 -7.39
CA PHE A 26 -6.43 0.65 -8.06
C PHE A 26 -6.00 0.83 -9.51
N SER A 27 -4.71 0.67 -9.76
CA SER A 27 -4.16 0.81 -11.11
C SER A 27 -4.74 -0.25 -12.04
N GLU A 28 -4.82 -1.48 -11.55
CA GLU A 28 -5.35 -2.59 -12.34
C GLU A 28 -6.80 -2.88 -11.95
N PRO A 1 10.85 4.22 -7.19
CA PRO A 1 10.07 5.04 -6.27
C PRO A 1 10.05 4.48 -4.85
N VAL A 2 10.65 5.20 -3.91
CA VAL A 2 10.70 4.77 -2.53
C VAL A 2 9.52 5.33 -1.73
N PHE A 3 9.03 6.50 -2.16
CA PHE A 3 7.91 7.14 -1.48
C PHE A 3 6.68 6.25 -1.54
N VAL A 4 6.57 5.42 -2.57
CA VAL A 4 5.45 4.53 -2.73
C VAL A 4 5.70 3.19 -2.03
N SER A 5 6.96 2.77 -2.01
CA SER A 5 7.33 1.51 -1.38
C SER A 5 7.19 1.61 0.14
N VAL A 6 7.39 2.81 0.67
CA VAL A 6 7.29 3.05 2.11
C VAL A 6 5.83 3.20 2.54
N TYR A 7 4.98 3.60 1.60
CA TYR A 7 3.57 3.78 1.88
C TYR A 7 2.78 2.50 1.63
N LEU A 8 3.30 1.67 0.74
CA LEU A 8 2.65 0.41 0.41
C LEU A 8 3.18 -0.73 1.27
N ASN A 9 4.24 -0.44 2.04
CA ASN A 9 4.85 -1.43 2.91
C ASN A 9 4.22 -1.39 4.29
N ARG A 10 4.25 -0.22 4.92
CA ARG A 10 3.67 -0.05 6.26
C ARG A 10 2.16 -0.17 6.22
N SER A 11 1.59 0.00 5.02
CA SER A 11 0.14 -0.08 4.85
C SER A 11 -0.32 -1.53 4.85
N TRP A 12 0.60 -2.45 4.56
CA TRP A 12 0.29 -3.87 4.52
C TRP A 12 -0.14 -4.38 5.89
N LEU A 13 0.51 -3.86 6.94
CA LEU A 13 0.19 -4.26 8.31
C LEU A 13 -0.42 -3.09 9.09
N GLY A 14 -0.41 -1.91 8.46
CA GLY A 14 -0.97 -0.73 9.12
C GLY A 14 -2.47 -0.63 8.94
N LEU A 15 -2.99 -1.28 7.91
CA LEU A 15 -4.43 -1.26 7.63
C LEU A 15 -4.93 -2.65 7.27
N ARG A 16 -4.31 -3.67 7.84
CA ARG A 16 -4.71 -5.05 7.59
C ARG A 16 -4.75 -5.33 6.08
N PHE A 17 -3.80 -4.75 5.34
CA PHE A 17 -3.73 -4.94 3.90
C PHE A 17 -4.93 -4.30 3.21
N LEU A 18 -5.32 -3.12 3.69
CA LEU A 18 -6.46 -2.40 3.13
C LEU A 18 -6.01 -1.08 2.52
N ARG A 19 -5.01 -0.45 3.13
CA ARG A 19 -4.50 0.82 2.65
C ARG A 19 -3.61 0.61 1.43
N ALA A 20 -3.05 -0.59 1.30
CA ALA A 20 -2.19 -0.92 0.18
C ALA A 20 -2.93 -1.71 -0.89
N LEU A 21 -3.78 -2.62 -0.45
CA LEU A 21 -4.56 -3.45 -1.37
C LEU A 21 -5.45 -2.58 -2.26
N ARG A 22 -5.67 -1.35 -1.84
CA ARG A 22 -6.50 -0.41 -2.60
C ARG A 22 -5.63 0.44 -3.52
N LEU A 23 -4.32 0.38 -3.33
CA LEU A 23 -3.39 1.15 -4.14
C LEU A 23 -2.68 0.25 -5.15
N ILE A 24 -2.63 -1.04 -4.85
CA ILE A 24 -1.98 -2.00 -5.74
C ILE A 24 -2.99 -2.65 -6.69
N GLN A 25 -4.27 -2.54 -6.33
CA GLN A 25 -5.33 -3.12 -7.15
C GLN A 25 -6.06 -2.04 -7.95
N PHE A 26 -5.84 -0.77 -7.56
CA PHE A 26 -6.47 0.35 -8.24
C PHE A 26 -6.04 0.41 -9.70
N SER A 27 -4.77 0.17 -9.95
CA SER A 27 -4.23 0.20 -11.31
C SER A 27 -2.92 -0.57 -11.39
N GLU A 28 -3.03 -1.88 -11.62
CA GLU A 28 -1.85 -2.74 -11.73
C GLU A 28 -0.94 -2.57 -10.51
N PRO A 1 9.00 3.61 -6.38
CA PRO A 1 9.99 4.47 -5.71
C PRO A 1 10.10 4.17 -4.22
N VAL A 2 10.82 5.02 -3.50
CA VAL A 2 11.00 4.85 -2.06
C VAL A 2 9.89 5.52 -1.28
N PHE A 3 9.00 6.22 -1.99
CA PHE A 3 7.88 6.90 -1.36
C PHE A 3 6.62 6.04 -1.41
N VAL A 4 6.62 5.05 -2.29
CA VAL A 4 5.48 4.15 -2.43
C VAL A 4 5.71 2.84 -1.69
N SER A 5 6.94 2.34 -1.74
CA SER A 5 7.29 1.10 -1.07
C SER A 5 7.20 1.25 0.44
N VAL A 6 7.45 2.48 0.93
CA VAL A 6 7.40 2.76 2.35
C VAL A 6 5.97 3.01 2.81
N TYR A 7 5.11 3.39 1.88
CA TYR A 7 3.71 3.66 2.18
C TYR A 7 2.85 2.41 1.97
N LEU A 8 3.32 1.51 1.12
CA LEU A 8 2.60 0.28 0.83
C LEU A 8 3.07 -0.85 1.74
N ASN A 9 4.16 -0.60 2.47
CA ASN A 9 4.71 -1.60 3.38
C ASN A 9 4.06 -1.51 4.74
N ARG A 10 4.08 -0.32 5.33
CA ARG A 10 3.49 -0.09 6.65
C ARG A 10 1.98 -0.34 6.61
N SER A 11 1.38 -0.07 5.46
CA SER A 11 -0.06 -0.26 5.30
C SER A 11 -0.42 -1.74 5.28
N TRP A 12 0.57 -2.58 4.95
CA TRP A 12 0.37 -4.02 4.90
C TRP A 12 -0.06 -4.57 6.26
N LEU A 13 0.53 -4.03 7.31
CA LEU A 13 0.21 -4.47 8.67
C LEU A 13 -0.52 -3.37 9.44
N GLY A 14 -0.57 -2.17 8.85
CA GLY A 14 -1.24 -1.06 9.50
C GLY A 14 -2.74 -1.09 9.29
N LEU A 15 -3.18 -1.75 8.22
CA LEU A 15 -4.60 -1.86 7.91
C LEU A 15 -4.94 -3.26 7.39
N ARG A 16 -4.27 -4.26 7.93
CA ARG A 16 -4.51 -5.64 7.52
C ARG A 16 -4.39 -5.79 6.01
N PHE A 17 -3.45 -5.05 5.42
CA PHE A 17 -3.25 -5.10 3.98
C PHE A 17 -4.45 -4.56 3.23
N LEU A 18 -5.06 -3.50 3.77
CA LEU A 18 -6.23 -2.89 3.17
C LEU A 18 -5.88 -1.51 2.59
N ARG A 19 -5.07 -0.75 3.32
CA ARG A 19 -4.67 0.58 2.89
C ARG A 19 -3.69 0.49 1.72
N ALA A 20 -3.06 -0.67 1.57
CA ALA A 20 -2.10 -0.88 0.49
C ALA A 20 -2.73 -1.65 -0.67
N LEU A 21 -3.53 -2.66 -0.33
CA LEU A 21 -4.20 -3.48 -1.34
C LEU A 21 -5.15 -2.64 -2.18
N ARG A 22 -5.48 -1.45 -1.68
CA ARG A 22 -6.39 -0.54 -2.40
C ARG A 22 -5.59 0.48 -3.21
N LEU A 23 -4.29 0.52 -2.98
CA LEU A 23 -3.43 1.46 -3.70
C LEU A 23 -2.58 0.73 -4.75
N ILE A 24 -2.42 -0.57 -4.56
CA ILE A 24 -1.64 -1.38 -5.49
C ILE A 24 -2.54 -2.08 -6.49
N GLN A 25 -3.83 -2.13 -6.18
CA GLN A 25 -4.81 -2.77 -7.06
C GLN A 25 -5.65 -1.73 -7.80
N PHE A 26 -5.60 -0.49 -7.32
CA PHE A 26 -6.35 0.60 -7.94
C PHE A 26 -5.90 0.83 -9.37
N SER A 27 -4.61 0.66 -9.62
CA SER A 27 -4.05 0.87 -10.96
C SER A 27 -3.70 -0.48 -11.60
N GLU A 28 -4.41 -1.53 -11.20
CA GLU A 28 -4.16 -2.86 -11.73
C GLU A 28 -4.82 -3.03 -13.10
N PRO A 1 9.78 4.77 -6.92
CA PRO A 1 9.59 5.86 -5.96
C PRO A 1 9.52 5.36 -4.52
N VAL A 2 10.42 5.86 -3.69
CA VAL A 2 10.47 5.46 -2.29
C VAL A 2 9.23 5.94 -1.54
N PHE A 3 8.66 7.04 -2.00
CA PHE A 3 7.47 7.60 -1.37
C PHE A 3 6.31 6.60 -1.40
N VAL A 4 6.33 5.71 -2.39
CA VAL A 4 5.29 4.70 -2.53
C VAL A 4 5.64 3.44 -1.75
N SER A 5 6.93 3.12 -1.72
CA SER A 5 7.40 1.93 -1.02
C SER A 5 7.23 2.10 0.49
N VAL A 6 7.31 3.34 0.96
CA VAL A 6 7.17 3.64 2.38
C VAL A 6 5.70 3.69 2.78
N TYR A 7 4.83 3.96 1.81
CA TYR A 7 3.40 4.04 2.06
C TYR A 7 2.72 2.70 1.82
N LEU A 8 3.35 1.87 0.98
CA LEU A 8 2.81 0.56 0.66
C LEU A 8 3.40 -0.51 1.57
N ASN A 9 4.40 -0.13 2.36
CA ASN A 9 5.05 -1.05 3.29
C ASN A 9 4.40 -0.98 4.67
N ARG A 10 4.33 0.22 5.22
CA ARG A 10 3.73 0.42 6.54
C ARG A 10 2.22 0.22 6.49
N SER A 11 1.66 0.26 5.28
CA SER A 11 0.23 0.09 5.10
C SER A 11 -0.16 -1.38 5.17
N TRP A 12 0.79 -2.25 4.84
CA TRP A 12 0.55 -3.69 4.86
C TRP A 12 0.10 -4.15 6.24
N LEU A 13 0.72 -3.58 7.27
CA LEU A 13 0.39 -3.93 8.65
C LEU A 13 -0.25 -2.76 9.37
N GLY A 14 -0.27 -1.60 8.71
CA GLY A 14 -0.86 -0.41 9.31
C GLY A 14 -2.36 -0.35 9.10
N LEU A 15 -2.85 -1.06 8.10
CA LEU A 15 -4.28 -1.07 7.80
C LEU A 15 -4.74 -2.48 7.41
N ARG A 16 -4.10 -3.49 8.00
CA ARG A 16 -4.44 -4.88 7.72
C ARG A 16 -4.40 -5.16 6.21
N PHE A 17 -3.44 -4.54 5.53
CA PHE A 17 -3.30 -4.71 4.09
C PHE A 17 -4.49 -4.15 3.35
N LEU A 18 -5.00 -3.01 3.84
CA LEU A 18 -6.15 -2.36 3.21
C LEU A 18 -5.73 -1.05 2.55
N ARG A 19 -4.83 -0.33 3.19
CA ARG A 19 -4.35 0.94 2.67
C ARG A 19 -3.48 0.73 1.43
N ALA A 20 -2.88 -0.46 1.34
CA ALA A 20 -2.03 -0.80 0.20
C ALA A 20 -2.79 -1.60 -0.85
N LEU A 21 -3.64 -2.50 -0.39
CA LEU A 21 -4.44 -3.34 -1.30
C LEU A 21 -5.32 -2.47 -2.19
N ARG A 22 -5.55 -1.23 -1.77
CA ARG A 22 -6.39 -0.31 -2.53
C ARG A 22 -5.54 0.54 -3.47
N LEU A 23 -4.22 0.47 -3.29
CA LEU A 23 -3.29 1.23 -4.13
C LEU A 23 -2.61 0.33 -5.15
N ILE A 24 -2.55 -0.96 -4.85
CA ILE A 24 -1.93 -1.93 -5.74
C ILE A 24 -2.97 -2.57 -6.65
N GLN A 25 -4.23 -2.46 -6.29
CA GLN A 25 -5.32 -3.02 -7.07
C GLN A 25 -6.07 -1.92 -7.84
N PHE A 26 -5.83 -0.68 -7.45
CA PHE A 26 -6.48 0.45 -8.10
C PHE A 26 -5.79 0.80 -9.41
N SER A 27 -4.49 0.53 -9.48
CA SER A 27 -3.71 0.81 -10.67
C SER A 27 -3.83 -0.32 -11.68
N GLU A 28 -4.03 -1.54 -11.18
CA GLU A 28 -4.16 -2.71 -12.04
C GLU A 28 -5.06 -3.76 -11.38
N PRO A 1 11.99 5.38 -6.16
CA PRO A 1 10.90 5.84 -5.32
C PRO A 1 10.96 5.27 -3.91
N VAL A 2 11.01 6.16 -2.92
CA VAL A 2 11.07 5.74 -1.52
C VAL A 2 9.86 6.23 -0.74
N PHE A 3 9.02 7.02 -1.40
CA PHE A 3 7.82 7.56 -0.77
C PHE A 3 6.62 6.66 -1.03
N VAL A 4 6.72 5.82 -2.06
CA VAL A 4 5.64 4.90 -2.40
C VAL A 4 5.89 3.52 -1.83
N SER A 5 7.15 3.09 -1.84
CA SER A 5 7.53 1.78 -1.32
C SER A 5 7.30 1.71 0.19
N VAL A 6 7.43 2.85 0.85
CA VAL A 6 7.25 2.93 2.29
C VAL A 6 5.78 3.03 2.66
N TYR A 7 4.97 3.50 1.71
CA TYR A 7 3.54 3.66 1.92
C TYR A 7 2.79 2.41 1.47
N LEU A 8 3.38 1.67 0.54
CA LEU A 8 2.76 0.46 0.00
C LEU A 8 3.25 -0.77 0.77
N ASN A 9 4.24 -0.57 1.64
CA ASN A 9 4.79 -1.66 2.43
C ASN A 9 4.22 -1.64 3.84
N ARG A 10 4.14 -0.46 4.43
CA ARG A 10 3.61 -0.30 5.78
C ARG A 10 2.09 -0.39 5.79
N SER A 11 1.50 -0.33 4.60
CA SER A 11 0.05 -0.40 4.47
C SER A 11 -0.45 -1.83 4.65
N TRP A 12 0.38 -2.79 4.26
CA TRP A 12 0.04 -4.20 4.38
C TRP A 12 -0.44 -4.53 5.79
N LEU A 13 0.28 -4.02 6.78
CA LEU A 13 -0.06 -4.27 8.18
C LEU A 13 -0.59 -2.99 8.83
N GLY A 14 -0.53 -1.88 8.10
CA GLY A 14 -1.01 -0.62 8.63
C GLY A 14 -2.52 -0.48 8.52
N LEU A 15 -3.12 -1.25 7.64
CA LEU A 15 -4.56 -1.21 7.43
C LEU A 15 -5.11 -2.61 7.14
N ARG A 16 -4.48 -3.62 7.72
CA ARG A 16 -4.91 -4.99 7.53
C ARG A 16 -5.08 -5.31 6.05
N PHE A 17 -4.14 -4.83 5.24
CA PHE A 17 -4.19 -5.06 3.79
C PHE A 17 -5.37 -4.33 3.17
N LEU A 18 -5.56 -3.07 3.57
CA LEU A 18 -6.66 -2.26 3.05
C LEU A 18 -6.14 -0.97 2.44
N ARG A 19 -5.08 -0.43 3.04
CA ARG A 19 -4.48 0.82 2.56
C ARG A 19 -3.61 0.56 1.33
N ALA A 20 -3.17 -0.69 1.17
CA ALA A 20 -2.34 -1.07 0.05
C ALA A 20 -3.13 -1.81 -1.01
N LEU A 21 -4.04 -2.67 -0.56
CA LEU A 21 -4.88 -3.44 -1.47
C LEU A 21 -5.70 -2.53 -2.37
N ARG A 22 -5.86 -1.28 -1.96
CA ARG A 22 -6.62 -0.31 -2.72
C ARG A 22 -5.70 0.49 -3.65
N LEU A 23 -4.40 0.34 -3.46
CA LEU A 23 -3.42 1.04 -4.28
C LEU A 23 -2.76 0.10 -5.29
N ILE A 24 -2.80 -1.20 -4.98
CA ILE A 24 -2.21 -2.20 -5.86
C ILE A 24 -3.27 -2.76 -6.81
N GLN A 25 -4.54 -2.58 -6.46
CA GLN A 25 -5.64 -3.08 -7.29
C GLN A 25 -6.27 -1.94 -8.08
N PHE A 26 -5.97 -0.71 -7.70
CA PHE A 26 -6.51 0.47 -8.37
C PHE A 26 -6.08 0.50 -9.83
N SER A 27 -4.86 0.05 -10.10
CA SER A 27 -4.33 0.04 -11.46
C SER A 27 -4.38 -1.36 -12.04
N GLU A 28 -4.11 -2.35 -11.20
CA GLU A 28 -4.13 -3.74 -11.64
C GLU A 28 -3.11 -3.98 -12.76
N PRO A 1 12.54 6.34 -6.12
CA PRO A 1 11.15 6.30 -5.68
C PRO A 1 10.96 5.46 -4.43
N VAL A 2 11.16 6.06 -3.27
CA VAL A 2 11.00 5.35 -2.00
C VAL A 2 9.81 5.88 -1.22
N PHE A 3 9.19 6.94 -1.73
CA PHE A 3 8.03 7.54 -1.08
C PHE A 3 6.81 6.63 -1.21
N VAL A 4 6.76 5.86 -2.30
CA VAL A 4 5.65 4.95 -2.54
C VAL A 4 5.90 3.59 -1.90
N SER A 5 7.15 3.16 -1.89
CA SER A 5 7.53 1.88 -1.31
C SER A 5 7.35 1.90 0.20
N VAL A 6 7.52 3.08 0.80
CA VAL A 6 7.36 3.22 2.25
C VAL A 6 5.90 3.33 2.64
N TYR A 7 5.07 3.78 1.70
CA TYR A 7 3.64 3.93 1.94
C TYR A 7 2.88 2.67 1.55
N LEU A 8 3.47 1.90 0.63
CA LEU A 8 2.84 0.67 0.18
C LEU A 8 3.34 -0.53 0.98
N ASN A 9 4.33 -0.30 1.82
CA ASN A 9 4.90 -1.36 2.66
C ASN A 9 4.31 -1.31 4.06
N ARG A 10 4.24 -0.12 4.63
CA ARG A 10 3.70 0.07 5.97
C ARG A 10 2.18 -0.07 5.97
N SER A 11 1.59 -0.01 4.79
CA SER A 11 0.15 -0.12 4.65
C SER A 11 -0.31 -1.56 4.87
N TRP A 12 0.56 -2.51 4.54
CA TRP A 12 0.25 -3.92 4.71
C TRP A 12 -0.25 -4.22 6.11
N LEU A 13 0.43 -3.65 7.11
CA LEU A 13 0.05 -3.85 8.50
C LEU A 13 -0.53 -2.57 9.09
N GLY A 14 -0.47 -1.49 8.32
CA GLY A 14 -1.01 -0.22 8.80
C GLY A 14 -2.50 -0.13 8.64
N LEU A 15 -3.06 -0.96 7.76
CA LEU A 15 -4.50 -0.97 7.52
C LEU A 15 -5.00 -2.39 7.28
N ARG A 16 -4.36 -3.36 7.91
CA ARG A 16 -4.73 -4.76 7.76
C ARG A 16 -4.86 -5.13 6.29
N PHE A 17 -3.91 -4.66 5.48
CA PHE A 17 -3.92 -4.95 4.05
C PHE A 17 -5.10 -4.28 3.36
N LEU A 18 -5.37 -3.03 3.73
CA LEU A 18 -6.47 -2.28 3.15
C LEU A 18 -5.98 -0.98 2.50
N ARG A 19 -4.95 -0.39 3.10
CA ARG A 19 -4.39 0.85 2.58
C ARG A 19 -3.49 0.57 1.37
N ALA A 20 -3.03 -0.66 1.25
CA ALA A 20 -2.16 -1.05 0.15
C ALA A 20 -2.96 -1.78 -0.94
N LEU A 21 -3.86 -2.66 -0.51
CA LEU A 21 -4.69 -3.43 -1.44
C LEU A 21 -5.58 -2.50 -2.27
N ARG A 22 -5.72 -1.26 -1.81
CA ARG A 22 -6.55 -0.28 -2.50
C ARG A 22 -5.70 0.61 -3.39
N LEU A 23 -4.38 0.50 -3.25
CA LEU A 23 -3.45 1.30 -4.04
C LEU A 23 -2.79 0.45 -5.13
N ILE A 24 -2.76 -0.85 -4.91
CA ILE A 24 -2.16 -1.78 -5.87
C ILE A 24 -3.21 -2.34 -6.81
N GLN A 25 -4.48 -2.25 -6.41
CA GLN A 25 -5.58 -2.75 -7.22
C GLN A 25 -6.30 -1.61 -7.92
N PHE A 26 -6.04 -0.38 -7.48
CA PHE A 26 -6.66 0.81 -8.06
C PHE A 26 -6.30 0.93 -9.55
N SER A 27 -5.05 0.62 -9.87
CA SER A 27 -4.57 0.70 -11.25
C SER A 27 -4.44 -0.69 -11.86
N GLU A 28 -5.24 -1.63 -11.37
CA GLU A 28 -5.19 -3.00 -11.87
C GLU A 28 -3.79 -3.58 -11.73
N PRO A 1 12.37 6.40 -6.05
CA PRO A 1 11.01 6.45 -5.53
C PRO A 1 10.82 5.57 -4.29
N VAL A 2 11.19 6.09 -3.13
CA VAL A 2 11.06 5.36 -1.88
C VAL A 2 9.87 5.84 -1.08
N PHE A 3 9.22 6.90 -1.56
CA PHE A 3 8.07 7.47 -0.88
C PHE A 3 6.85 6.56 -1.03
N VAL A 4 6.80 5.83 -2.15
CA VAL A 4 5.70 4.93 -2.42
C VAL A 4 5.95 3.55 -1.84
N SER A 5 7.22 3.13 -1.85
CA SER A 5 7.60 1.83 -1.33
C SER A 5 7.42 1.78 0.19
N VAL A 6 7.58 2.93 0.83
CA VAL A 6 7.44 3.02 2.28
C VAL A 6 5.98 3.11 2.68
N TYR A 7 5.15 3.59 1.77
CA TYR A 7 3.72 3.73 2.03
C TYR A 7 2.96 2.48 1.58
N LEU A 8 3.54 1.74 0.63
CA LEU A 8 2.92 0.53 0.13
C LEU A 8 3.42 -0.70 0.89
N ASN A 9 4.43 -0.49 1.73
CA ASN A 9 4.99 -1.58 2.52
C ASN A 9 4.42 -1.60 3.93
N ARG A 10 4.35 -0.41 4.54
CA ARG A 10 3.82 -0.28 5.90
C ARG A 10 2.30 -0.43 5.90
N SER A 11 1.70 -0.33 4.72
CA SER A 11 0.25 -0.44 4.59
C SER A 11 -0.20 -1.89 4.76
N TRP A 12 0.68 -2.82 4.38
CA TRP A 12 0.37 -4.24 4.49
C TRP A 12 -0.11 -4.59 5.90
N LEU A 13 0.58 -4.06 6.90
CA LEU A 13 0.22 -4.31 8.30
C LEU A 13 -0.37 -3.06 8.94
N GLY A 14 -0.33 -1.95 8.21
CA GLY A 14 -0.85 -0.71 8.73
C GLY A 14 -2.36 -0.62 8.61
N LEU A 15 -2.93 -1.42 7.72
CA LEU A 15 -4.37 -1.44 7.49
C LEU A 15 -4.86 -2.85 7.19
N ARG A 16 -4.20 -3.83 7.78
CA ARG A 16 -4.57 -5.23 7.58
C ARG A 16 -4.71 -5.55 6.09
N PHE A 17 -3.78 -5.03 5.29
CA PHE A 17 -3.80 -5.25 3.85
C PHE A 17 -5.00 -4.56 3.21
N LEU A 18 -5.25 -3.32 3.62
CA LEU A 18 -6.37 -2.55 3.08
C LEU A 18 -5.88 -1.24 2.49
N ARG A 19 -4.84 -0.66 3.10
CA ARG A 19 -4.29 0.60 2.62
C ARG A 19 -3.41 0.38 1.40
N ALA A 20 -2.95 -0.85 1.23
CA ALA A 20 -2.09 -1.19 0.09
C ALA A 20 -2.89 -1.87 -1.01
N LEU A 21 -3.79 -2.77 -0.61
CA LEU A 21 -4.62 -3.50 -1.56
C LEU A 21 -5.52 -2.55 -2.34
N ARG A 22 -5.66 -1.32 -1.83
CA ARG A 22 -6.49 -0.32 -2.47
C ARG A 22 -5.65 0.62 -3.33
N LEU A 23 -4.34 0.50 -3.21
CA LEU A 23 -3.42 1.33 -3.97
C LEU A 23 -2.77 0.54 -5.11
N ILE A 24 -2.73 -0.78 -4.94
CA ILE A 24 -2.14 -1.65 -5.94
C ILE A 24 -3.20 -2.18 -6.91
N GLN A 25 -4.46 -2.11 -6.48
CA GLN A 25 -5.57 -2.57 -7.30
C GLN A 25 -6.31 -1.40 -7.95
N PHE A 26 -6.04 -0.20 -7.45
CA PHE A 26 -6.68 1.01 -7.98
C PHE A 26 -6.33 1.20 -9.46
N SER A 27 -5.08 0.90 -9.80
CA SER A 27 -4.63 1.05 -11.19
C SER A 27 -5.37 0.10 -12.12
N GLU A 28 -5.59 -1.13 -11.64
CA GLU A 28 -6.30 -2.13 -12.43
C GLU A 28 -7.62 -2.51 -11.77
N PRO A 1 10.85 8.17 -6.44
CA PRO A 1 10.72 6.76 -6.03
C PRO A 1 10.76 6.60 -4.51
N VAL A 2 10.59 5.36 -4.05
CA VAL A 2 10.63 5.08 -2.62
C VAL A 2 9.45 5.75 -1.90
N PHE A 3 8.48 6.20 -2.67
CA PHE A 3 7.30 6.87 -2.11
C PHE A 3 6.11 5.92 -2.08
N VAL A 4 6.12 4.91 -2.95
CA VAL A 4 5.05 3.93 -3.01
C VAL A 4 5.37 2.70 -2.18
N SER A 5 6.64 2.28 -2.21
CA SER A 5 7.07 1.11 -1.46
C SER A 5 6.99 1.37 0.05
N VAL A 6 7.14 2.64 0.44
CA VAL A 6 7.08 3.02 1.83
C VAL A 6 5.64 3.20 2.30
N TYR A 7 4.74 3.44 1.34
CA TYR A 7 3.33 3.64 1.64
C TYR A 7 2.56 2.33 1.53
N LEU A 8 3.09 1.41 0.73
CA LEU A 8 2.45 0.11 0.54
C LEU A 8 3.03 -0.93 1.49
N ASN A 9 4.10 -0.55 2.19
CA ASN A 9 4.74 -1.45 3.13
C ASN A 9 4.11 -1.35 4.51
N ARG A 10 4.13 -0.15 5.08
CA ARG A 10 3.56 0.08 6.40
C ARG A 10 2.04 -0.12 6.37
N SER A 11 1.45 0.06 5.20
CA SER A 11 0.01 -0.10 5.04
C SER A 11 -0.38 -1.58 5.07
N TRP A 12 0.60 -2.45 4.87
CA TRP A 12 0.36 -3.88 4.87
C TRP A 12 -0.07 -4.37 6.26
N LEU A 13 0.54 -3.78 7.29
CA LEU A 13 0.22 -4.16 8.66
C LEU A 13 -0.47 -3.01 9.39
N GLY A 14 -0.50 -1.84 8.74
CA GLY A 14 -1.13 -0.67 9.34
C GLY A 14 -2.63 -0.66 9.13
N LEU A 15 -3.10 -1.43 8.15
CA LEU A 15 -4.52 -1.51 7.84
C LEU A 15 -4.92 -2.93 7.45
N ARG A 16 -4.22 -3.91 8.01
CA ARG A 16 -4.51 -5.30 7.72
C ARG A 16 -4.45 -5.58 6.22
N PHE A 17 -3.55 -4.88 5.54
CA PHE A 17 -3.40 -5.04 4.10
C PHE A 17 -4.65 -4.58 3.36
N LEU A 18 -5.25 -3.50 3.86
CA LEU A 18 -6.47 -2.96 3.25
C LEU A 18 -6.17 -1.63 2.55
N ARG A 19 -5.37 -0.79 3.20
CA ARG A 19 -5.02 0.51 2.64
C ARG A 19 -4.03 0.35 1.49
N ALA A 20 -3.38 -0.81 1.43
CA ALA A 20 -2.42 -1.10 0.37
C ALA A 20 -3.04 -1.95 -0.74
N LEU A 21 -3.78 -2.96 -0.33
CA LEU A 21 -4.44 -3.85 -1.29
C LEU A 21 -5.44 -3.09 -2.15
N ARG A 22 -5.83 -1.91 -1.69
CA ARG A 22 -6.78 -1.08 -2.42
C ARG A 22 -6.06 -0.03 -3.25
N LEU A 23 -4.75 0.10 -3.04
CA LEU A 23 -3.94 1.07 -3.78
C LEU A 23 -3.09 0.37 -4.83
N ILE A 24 -2.85 -0.92 -4.63
CA ILE A 24 -2.05 -1.70 -5.58
C ILE A 24 -2.94 -2.43 -6.57
N GLN A 25 -4.21 -2.57 -6.23
CA GLN A 25 -5.17 -3.25 -7.10
C GLN A 25 -6.06 -2.25 -7.83
N PHE A 26 -6.05 -1.00 -7.36
CA PHE A 26 -6.86 0.05 -7.97
C PHE A 26 -6.45 0.27 -9.42
N SER A 27 -5.16 0.15 -9.70
CA SER A 27 -4.65 0.34 -11.05
C SER A 27 -4.14 -0.98 -11.63
N GLU A 28 -3.47 -1.78 -10.80
CA GLU A 28 -2.94 -3.06 -11.23
C GLU A 28 -3.63 -4.20 -10.49
N PRO A 1 9.72 6.60 -5.95
CA PRO A 1 10.90 5.77 -5.72
C PRO A 1 10.97 5.25 -4.28
N VAL A 2 10.83 6.15 -3.32
CA VAL A 2 10.87 5.78 -1.91
C VAL A 2 9.64 6.29 -1.16
N PHE A 3 8.79 7.02 -1.88
CA PHE A 3 7.58 7.57 -1.29
C PHE A 3 6.40 6.62 -1.49
N VAL A 4 6.52 5.75 -2.48
CA VAL A 4 5.46 4.79 -2.78
C VAL A 4 5.74 3.44 -2.13
N SER A 5 7.01 3.07 -2.09
CA SER A 5 7.43 1.80 -1.50
C SER A 5 7.19 1.80 0.01
N VAL A 6 7.28 2.98 0.61
CA VAL A 6 7.09 3.12 2.06
C VAL A 6 5.61 3.22 2.39
N TYR A 7 4.80 3.62 1.42
CA TYR A 7 3.36 3.75 1.62
C TYR A 7 2.64 2.47 1.19
N LEU A 8 3.26 1.70 0.32
CA LEU A 8 2.68 0.45 -0.16
C LEU A 8 3.17 -0.73 0.66
N ASN A 9 4.15 -0.48 1.53
CA ASN A 9 4.71 -1.52 2.38
C ASN A 9 4.15 -1.43 3.79
N ARG A 10 4.01 -0.21 4.28
CA ARG A 10 3.49 0.02 5.63
C ARG A 10 1.97 -0.10 5.65
N SER A 11 1.37 -0.15 4.46
CA SER A 11 -0.08 -0.27 4.34
C SER A 11 -0.55 -1.70 4.61
N TRP A 12 0.29 -2.66 4.23
CA TRP A 12 -0.03 -4.06 4.44
C TRP A 12 -0.46 -4.33 5.88
N LEU A 13 0.27 -3.74 6.82
CA LEU A 13 -0.04 -3.91 8.24
C LEU A 13 -0.56 -2.61 8.84
N GLY A 14 -0.57 -1.55 8.03
CA GLY A 14 -1.05 -0.27 8.51
C GLY A 14 -2.56 -0.16 8.43
N LEU A 15 -3.17 -1.00 7.60
CA LEU A 15 -4.62 -1.00 7.44
C LEU A 15 -5.15 -2.41 7.20
N ARG A 16 -4.49 -3.39 7.80
CA ARG A 16 -4.89 -4.79 7.65
C ARG A 16 -5.07 -5.14 6.18
N PHE A 17 -4.15 -4.66 5.34
CA PHE A 17 -4.20 -4.94 3.91
C PHE A 17 -5.39 -4.23 3.27
N LEU A 18 -5.61 -2.97 3.64
CA LEU A 18 -6.71 -2.19 3.11
C LEU A 18 -6.20 -0.90 2.47
N ARG A 19 -5.13 -0.35 3.04
CA ARG A 19 -4.55 0.88 2.53
C ARG A 19 -3.69 0.60 1.29
N ALA A 20 -3.30 -0.66 1.13
CA ALA A 20 -2.47 -1.04 -0.01
C ALA A 20 -3.30 -1.79 -1.06
N LEU A 21 -4.21 -2.64 -0.60
CA LEU A 21 -5.06 -3.41 -1.49
C LEU A 21 -5.89 -2.48 -2.38
N ARG A 22 -6.03 -1.23 -1.96
CA ARG A 22 -6.80 -0.25 -2.71
C ARG A 22 -5.90 0.54 -3.64
N LEU A 23 -4.59 0.39 -3.47
CA LEU A 23 -3.62 1.08 -4.30
C LEU A 23 -2.98 0.15 -5.32
N ILE A 24 -3.02 -1.15 -5.02
CA ILE A 24 -2.46 -2.15 -5.92
C ILE A 24 -3.53 -2.73 -6.85
N GLN A 25 -4.79 -2.53 -6.48
CA GLN A 25 -5.91 -3.03 -7.27
C GLN A 25 -6.57 -1.90 -8.05
N PHE A 26 -6.25 -0.66 -7.68
CA PHE A 26 -6.81 0.51 -8.34
C PHE A 26 -6.41 0.54 -9.81
N SER A 27 -5.17 0.16 -10.09
CA SER A 27 -4.67 0.15 -11.46
C SER A 27 -3.44 -0.75 -11.58
N GLU A 28 -3.69 -2.04 -11.83
CA GLU A 28 -2.61 -3.01 -11.97
C GLU A 28 -1.86 -2.81 -13.28
N PRO A 1 9.27 5.27 -6.89
CA PRO A 1 10.32 5.68 -5.96
C PRO A 1 10.18 5.02 -4.60
N VAL A 2 11.03 5.41 -3.66
CA VAL A 2 11.00 4.86 -2.31
C VAL A 2 9.86 5.46 -1.50
N PHE A 3 9.18 6.44 -2.08
CA PHE A 3 8.06 7.11 -1.42
C PHE A 3 6.79 6.27 -1.53
N VAL A 4 6.70 5.48 -2.59
CA VAL A 4 5.54 4.63 -2.81
C VAL A 4 5.72 3.27 -2.15
N SER A 5 6.93 2.74 -2.19
CA SER A 5 7.23 1.44 -1.60
C SER A 5 7.09 1.50 -0.08
N VAL A 6 7.34 2.68 0.49
CA VAL A 6 7.23 2.87 1.93
C VAL A 6 5.79 3.07 2.36
N TYR A 7 4.97 3.54 1.43
CA TYR A 7 3.55 3.78 1.71
C TYR A 7 2.72 2.55 1.37
N LEU A 8 3.23 1.73 0.46
CA LEU A 8 2.53 0.52 0.04
C LEU A 8 2.98 -0.68 0.85
N ASN A 9 4.02 -0.48 1.67
CA ASN A 9 4.54 -1.54 2.51
C ASN A 9 3.98 -1.46 3.92
N ARG A 10 3.97 -0.26 4.48
CA ARG A 10 3.46 -0.04 5.82
C ARG A 10 1.94 -0.17 5.86
N SER A 11 1.32 -0.05 4.69
CA SER A 11 -0.13 -0.14 4.58
C SER A 11 -0.60 -1.58 4.80
N TRP A 12 0.27 -2.53 4.49
CA TRP A 12 -0.05 -3.94 4.65
C TRP A 12 -0.59 -4.22 6.06
N LEU A 13 0.09 -3.67 7.05
CA LEU A 13 -0.32 -3.86 8.45
C LEU A 13 -0.87 -2.57 9.04
N GLY A 14 -0.74 -1.48 8.28
CA GLY A 14 -1.22 -0.19 8.74
C GLY A 14 -2.72 -0.04 8.57
N LEU A 15 -3.30 -0.84 7.68
CA LEU A 15 -4.73 -0.78 7.42
C LEU A 15 -5.29 -2.18 7.14
N ARG A 16 -4.67 -3.18 7.77
CA ARG A 16 -5.11 -4.56 7.59
C ARG A 16 -5.23 -4.92 6.11
N PHE A 17 -4.27 -4.45 5.31
CA PHE A 17 -4.27 -4.71 3.88
C PHE A 17 -5.43 -3.98 3.20
N LEU A 18 -5.66 -2.74 3.60
CA LEU A 18 -6.73 -1.94 3.03
C LEU A 18 -6.18 -0.65 2.41
N ARG A 19 -5.12 -0.12 3.00
CA ARG A 19 -4.49 1.10 2.50
C ARG A 19 -3.57 0.80 1.33
N ALA A 20 -3.20 -0.47 1.18
CA ALA A 20 -2.33 -0.89 0.09
C ALA A 20 -3.11 -1.63 -0.99
N LEU A 21 -4.05 -2.46 -0.56
CA LEU A 21 -4.86 -3.23 -1.50
C LEU A 21 -5.69 -2.31 -2.38
N ARG A 22 -5.83 -1.06 -1.97
CA ARG A 22 -6.60 -0.08 -2.72
C ARG A 22 -5.68 0.80 -3.57
N LEU A 23 -4.38 0.63 -3.38
CA LEU A 23 -3.39 1.41 -4.14
C LEU A 23 -2.62 0.51 -5.11
N ILE A 24 -2.67 -0.79 -4.87
CA ILE A 24 -1.98 -1.75 -5.72
C ILE A 24 -2.95 -2.41 -6.70
N GLN A 25 -4.25 -2.26 -6.43
CA GLN A 25 -5.28 -2.85 -7.27
C GLN A 25 -6.03 -1.76 -8.04
N PHE A 26 -5.84 -0.52 -7.63
CA PHE A 26 -6.49 0.62 -8.28
C PHE A 26 -5.97 0.81 -9.70
N SER A 27 -4.68 0.57 -9.88
CA SER A 27 -4.05 0.71 -11.20
C SER A 27 -4.22 -0.56 -12.03
N GLU A 28 -3.46 -1.60 -11.67
CA GLU A 28 -3.53 -2.87 -12.39
C GLU A 28 -4.57 -3.78 -11.76
N PRO A 1 11.52 9.32 -5.34
CA PRO A 1 11.38 7.88 -5.17
C PRO A 1 11.37 7.47 -3.70
N VAL A 2 11.15 6.18 -3.45
CA VAL A 2 11.11 5.66 -2.09
C VAL A 2 9.92 6.23 -1.32
N PHE A 3 8.99 6.83 -2.05
CA PHE A 3 7.81 7.42 -1.43
C PHE A 3 6.60 6.49 -1.58
N VAL A 4 6.64 5.64 -2.60
CA VAL A 4 5.55 4.70 -2.84
C VAL A 4 5.85 3.35 -2.21
N SER A 5 7.12 2.96 -2.22
CA SER A 5 7.53 1.68 -1.65
C SER A 5 7.37 1.69 -0.13
N VAL A 6 7.52 2.87 0.47
CA VAL A 6 7.39 3.01 1.91
C VAL A 6 5.93 3.10 2.32
N TYR A 7 5.07 3.53 1.39
CA TYR A 7 3.65 3.67 1.67
C TYR A 7 2.90 2.40 1.27
N LEU A 8 3.49 1.62 0.36
CA LEU A 8 2.87 0.38 -0.10
C LEU A 8 3.35 -0.80 0.74
N ASN A 9 4.38 -0.57 1.55
CA ASN A 9 4.93 -1.61 2.41
C ASN A 9 4.37 -1.52 3.82
N ARG A 10 4.31 -0.29 4.35
CA ARG A 10 3.79 -0.07 5.69
C ARG A 10 2.28 -0.18 5.72
N SER A 11 1.66 -0.19 4.54
CA SER A 11 0.21 -0.28 4.42
C SER A 11 -0.25 -1.71 4.70
N TRP A 12 0.59 -2.68 4.38
CA TRP A 12 0.26 -4.08 4.59
C TRP A 12 -0.21 -4.32 6.03
N LEU A 13 0.50 -3.74 6.99
CA LEU A 13 0.16 -3.89 8.39
C LEU A 13 -0.38 -2.59 8.97
N GLY A 14 -0.32 -1.53 8.16
CA GLY A 14 -0.81 -0.23 8.61
C GLY A 14 -2.32 -0.12 8.49
N LEU A 15 -2.91 -0.96 7.65
CA LEU A 15 -4.36 -0.94 7.46
C LEU A 15 -4.89 -2.36 7.23
N ARG A 16 -4.24 -3.33 7.86
CA ARG A 16 -4.66 -4.72 7.74
C ARG A 16 -4.82 -5.11 6.26
N PHE A 17 -3.88 -4.67 5.44
CA PHE A 17 -3.91 -4.96 4.00
C PHE A 17 -5.11 -4.28 3.34
N LEU A 18 -5.32 -3.01 3.68
CA LEU A 18 -6.42 -2.25 3.12
C LEU A 18 -5.93 -0.97 2.46
N ARG A 19 -4.88 -0.38 3.03
CA ARG A 19 -4.30 0.85 2.49
C ARG A 19 -3.42 0.54 1.29
N ALA A 20 -2.97 -0.70 1.18
CA ALA A 20 -2.13 -1.12 0.06
C ALA A 20 -2.94 -1.87 -0.99
N LEU A 21 -3.85 -2.72 -0.54
CA LEU A 21 -4.69 -3.49 -1.44
C LEU A 21 -5.59 -2.59 -2.27
N ARG A 22 -5.71 -1.33 -1.83
CA ARG A 22 -6.55 -0.37 -2.53
C ARG A 22 -5.71 0.51 -3.45
N LEU A 23 -4.39 0.40 -3.33
CA LEU A 23 -3.48 1.18 -4.16
C LEU A 23 -2.86 0.30 -5.25
N ILE A 24 -2.80 -1.00 -5.00
CA ILE A 24 -2.24 -1.94 -5.96
C ILE A 24 -3.32 -2.53 -6.85
N GLN A 25 -4.57 -2.42 -6.42
CA GLN A 25 -5.69 -2.95 -7.19
C GLN A 25 -6.43 -1.82 -7.90
N PHE A 26 -6.17 -0.59 -7.49
CA PHE A 26 -6.81 0.57 -8.09
C PHE A 26 -6.50 0.65 -9.58
N SER A 27 -5.29 0.24 -9.95
CA SER A 27 -4.86 0.28 -11.35
C SER A 27 -5.37 -0.95 -12.10
N GLU A 28 -5.49 -2.06 -11.37
CA GLU A 28 -5.97 -3.31 -11.98
C GLU A 28 -6.82 -4.09 -11.00
N PRO A 1 12.04 6.25 -6.22
CA PRO A 1 10.67 6.30 -5.72
C PRO A 1 10.47 5.47 -4.46
N VAL A 2 10.92 6.01 -3.33
CA VAL A 2 10.80 5.32 -2.05
C VAL A 2 9.62 5.86 -1.25
N PHE A 3 8.99 6.90 -1.76
CA PHE A 3 7.85 7.51 -1.09
C PHE A 3 6.61 6.64 -1.22
N VAL A 4 6.57 5.84 -2.29
CA VAL A 4 5.44 4.94 -2.53
C VAL A 4 5.67 3.59 -1.88
N SER A 5 6.91 3.11 -1.93
CA SER A 5 7.25 1.83 -1.34
C SER A 5 7.10 1.86 0.18
N VAL A 6 7.29 3.03 0.76
CA VAL A 6 7.17 3.21 2.21
C VAL A 6 5.72 3.34 2.62
N TYR A 7 4.88 3.80 1.70
CA TYR A 7 3.46 3.97 1.97
C TYR A 7 2.67 2.72 1.60
N LEU A 8 3.23 1.93 0.69
CA LEU A 8 2.58 0.69 0.25
C LEU A 8 3.08 -0.51 1.05
N ASN A 9 4.09 -0.27 1.88
CA ASN A 9 4.67 -1.33 2.70
C ASN A 9 4.08 -1.29 4.12
N ARG A 10 3.99 -0.08 4.68
CA ARG A 10 3.46 0.09 6.02
C ARG A 10 1.94 -0.13 6.03
N SER A 11 1.32 -0.01 4.87
CA SER A 11 -0.12 -0.20 4.75
C SER A 11 -0.50 -1.66 4.95
N TRP A 12 0.43 -2.55 4.62
CA TRP A 12 0.19 -3.99 4.76
C TRP A 12 -0.34 -4.31 6.15
N LEU A 13 0.29 -3.75 7.18
CA LEU A 13 -0.14 -3.98 8.55
C LEU A 13 -0.75 -2.73 9.16
N GLY A 14 -0.68 -1.62 8.42
CA GLY A 14 -1.23 -0.37 8.90
C GLY A 14 -2.73 -0.29 8.70
N LEU A 15 -3.25 -1.09 7.77
CA LEU A 15 -4.67 -1.10 7.48
C LEU A 15 -5.16 -2.52 7.19
N ARG A 16 -4.51 -3.50 7.81
CA ARG A 16 -4.87 -4.90 7.62
C ARG A 16 -4.96 -5.24 6.13
N PHE A 17 -4.02 -4.72 5.36
CA PHE A 17 -3.98 -4.96 3.91
C PHE A 17 -5.16 -4.29 3.22
N LEU A 18 -5.46 -3.06 3.64
CA LEU A 18 -6.56 -2.31 3.05
C LEU A 18 -6.07 -0.99 2.45
N ARG A 19 -5.04 -0.42 3.07
CA ARG A 19 -4.47 0.84 2.59
C ARG A 19 -3.53 0.60 1.42
N ALA A 20 -3.09 -0.64 1.26
CA ALA A 20 -2.18 -1.01 0.19
C ALA A 20 -2.91 -1.78 -0.91
N LEU A 21 -3.81 -2.67 -0.51
CA LEU A 21 -4.58 -3.47 -1.44
C LEU A 21 -5.44 -2.59 -2.34
N ARG A 22 -5.65 -1.35 -1.92
CA ARG A 22 -6.45 -0.41 -2.68
C ARG A 22 -5.57 0.52 -3.51
N LEU A 23 -4.25 0.42 -3.30
CA LEU A 23 -3.30 1.25 -4.03
C LEU A 23 -2.48 0.41 -5.01
N ILE A 24 -2.46 -0.90 -4.77
CA ILE A 24 -1.71 -1.82 -5.62
C ILE A 24 -2.63 -2.52 -6.62
N GLN A 25 -3.94 -2.45 -6.35
CA GLN A 25 -4.92 -3.07 -7.22
C GLN A 25 -5.71 -2.03 -8.00
N PHE A 26 -5.60 -0.78 -7.57
CA PHE A 26 -6.31 0.32 -8.23
C PHE A 26 -5.79 0.53 -9.64
N SER A 27 -4.48 0.33 -9.83
CA SER A 27 -3.85 0.52 -11.13
C SER A 27 -3.53 -0.83 -11.77
N GLU A 28 -4.29 -1.85 -11.39
CA GLU A 28 -4.09 -3.19 -11.92
C GLU A 28 -2.64 -3.65 -11.70
N PRO A 1 11.84 9.03 -4.91
CA PRO A 1 11.66 7.58 -4.77
C PRO A 1 11.61 7.13 -3.31
N VAL A 2 11.32 5.86 -3.08
CA VAL A 2 11.25 5.33 -1.73
C VAL A 2 10.10 5.95 -0.95
N PHE A 3 9.20 6.63 -1.66
CA PHE A 3 8.06 7.28 -1.03
C PHE A 3 6.79 6.45 -1.22
N VAL A 4 6.78 5.63 -2.26
CA VAL A 4 5.62 4.79 -2.55
C VAL A 4 5.80 3.40 -1.94
N SER A 5 7.02 2.88 -1.99
CA SER A 5 7.31 1.56 -1.45
C SER A 5 7.16 1.54 0.07
N VAL A 6 7.40 2.70 0.69
CA VAL A 6 7.29 2.83 2.13
C VAL A 6 5.83 3.01 2.56
N TYR A 7 5.02 3.52 1.64
CA TYR A 7 3.60 3.74 1.92
C TYR A 7 2.77 2.54 1.51
N LEU A 8 3.28 1.76 0.58
CA LEU A 8 2.58 0.57 0.10
C LEU A 8 3.03 -0.67 0.86
N ASN A 9 4.05 -0.51 1.70
CA ASN A 9 4.57 -1.61 2.49
C ASN A 9 4.01 -1.58 3.91
N ARG A 10 4.02 -0.39 4.51
CA ARG A 10 3.51 -0.24 5.86
C ARG A 10 1.98 -0.31 5.89
N SER A 11 1.38 -0.16 4.72
CA SER A 11 -0.08 -0.22 4.60
C SER A 11 -0.58 -1.64 4.78
N TRP A 12 0.25 -2.62 4.42
CA TRP A 12 -0.11 -4.02 4.54
C TRP A 12 -0.61 -4.34 5.95
N LEU A 13 0.10 -3.84 6.95
CA LEU A 13 -0.28 -4.06 8.34
C LEU A 13 -0.80 -2.79 8.98
N GLY A 14 -0.70 -1.68 8.25
CA GLY A 14 -1.17 -0.41 8.75
C GLY A 14 -2.68 -0.24 8.62
N LEU A 15 -3.27 -1.02 7.71
CA LEU A 15 -4.71 -0.95 7.49
C LEU A 15 -5.28 -2.34 7.21
N ARG A 16 -4.68 -3.36 7.81
CA ARG A 16 -5.12 -4.73 7.63
C ARG A 16 -5.27 -5.06 6.14
N PHE A 17 -4.31 -4.60 5.34
CA PHE A 17 -4.33 -4.85 3.90
C PHE A 17 -5.49 -4.11 3.25
N LEU A 18 -5.67 -2.85 3.63
CA LEU A 18 -6.73 -2.02 3.08
C LEU A 18 -6.18 -0.74 2.48
N ARG A 19 -5.12 -0.21 3.09
CA ARG A 19 -4.49 1.02 2.61
C ARG A 19 -3.57 0.72 1.43
N ALA A 20 -3.17 -0.54 1.29
CA ALA A 20 -2.29 -0.95 0.21
C ALA A 20 -3.06 -1.71 -0.87
N LEU A 21 -4.00 -2.55 -0.44
CA LEU A 21 -4.80 -3.34 -1.37
C LEU A 21 -5.62 -2.45 -2.28
N ARG A 22 -5.77 -1.18 -1.89
CA ARG A 22 -6.52 -0.21 -2.68
C ARG A 22 -5.60 0.62 -3.55
N LEU A 23 -4.29 0.48 -3.34
CA LEU A 23 -3.31 1.22 -4.11
C LEU A 23 -2.55 0.30 -5.06
N ILE A 24 -2.58 -1.01 -4.77
CA ILE A 24 -1.90 -1.99 -5.61
C ILE A 24 -2.88 -2.66 -6.57
N GLN A 25 -4.17 -2.50 -6.30
CA GLN A 25 -5.20 -3.08 -7.15
C GLN A 25 -5.91 -2.01 -7.96
N PHE A 26 -5.71 -0.75 -7.59
CA PHE A 26 -6.33 0.36 -8.28
C PHE A 26 -5.83 0.47 -9.72
N SER A 27 -4.55 0.14 -9.91
CA SER A 27 -3.93 0.20 -11.23
C SER A 27 -4.42 -0.95 -12.11
N GLU A 28 -4.58 -2.12 -11.50
CA GLU A 28 -5.04 -3.30 -12.23
C GLU A 28 -4.08 -3.63 -13.37
N PRO A 1 11.35 8.26 -5.90
CA PRO A 1 11.21 6.84 -5.58
C PRO A 1 11.16 6.59 -4.07
N VAL A 2 10.91 5.34 -3.70
CA VAL A 2 10.82 4.97 -2.28
C VAL A 2 9.64 5.66 -1.61
N PHE A 3 8.74 6.21 -2.42
CA PHE A 3 7.57 6.90 -1.89
C PHE A 3 6.35 5.97 -1.89
N VAL A 4 6.36 5.00 -2.80
CA VAL A 4 5.25 4.05 -2.91
C VAL A 4 5.51 2.81 -2.07
N SER A 5 6.76 2.35 -2.06
CA SER A 5 7.14 1.17 -1.29
C SER A 5 6.98 1.42 0.20
N VAL A 6 7.16 2.68 0.61
CA VAL A 6 7.04 3.06 2.01
C VAL A 6 5.58 3.23 2.41
N TYR A 7 4.73 3.52 1.43
CA TYR A 7 3.31 3.72 1.67
C TYR A 7 2.54 2.41 1.52
N LEU A 8 3.10 1.51 0.72
CA LEU A 8 2.46 0.21 0.48
C LEU A 8 2.97 -0.84 1.46
N ASN A 9 4.01 -0.48 2.22
CA ASN A 9 4.59 -1.38 3.20
C ASN A 9 3.92 -1.22 4.56
N ARG A 10 3.88 0.02 5.05
CA ARG A 10 3.26 0.32 6.33
C ARG A 10 1.76 0.04 6.30
N SER A 11 1.18 0.14 5.11
CA SER A 11 -0.25 -0.10 4.94
C SER A 11 -0.58 -1.58 5.07
N TRP A 12 0.43 -2.42 4.91
CA TRP A 12 0.25 -3.87 5.00
C TRP A 12 -0.20 -4.26 6.41
N LEU A 13 0.36 -3.60 7.42
CA LEU A 13 0.01 -3.89 8.81
C LEU A 13 -0.74 -2.71 9.43
N GLY A 14 -0.78 -1.60 8.71
CA GLY A 14 -1.46 -0.42 9.21
C GLY A 14 -2.96 -0.45 8.94
N LEU A 15 -3.36 -1.28 7.98
CA LEU A 15 -4.78 -1.40 7.63
C LEU A 15 -5.13 -2.85 7.30
N ARG A 16 -4.45 -3.78 7.97
CA ARG A 16 -4.70 -5.20 7.75
C ARG A 16 -4.57 -5.55 6.27
N PHE A 17 -3.63 -4.92 5.59
CA PHE A 17 -3.40 -5.16 4.18
C PHE A 17 -4.60 -4.70 3.35
N LEU A 18 -5.22 -3.60 3.77
CA LEU A 18 -6.38 -3.06 3.07
C LEU A 18 -6.03 -1.74 2.40
N ARG A 19 -5.20 -0.93 3.06
CA ARG A 19 -4.80 0.35 2.52
C ARG A 19 -3.82 0.19 1.37
N ALA A 20 -3.15 -0.96 1.33
CA ALA A 20 -2.20 -1.25 0.27
C ALA A 20 -2.84 -2.07 -0.85
N LEU A 21 -3.69 -3.01 -0.47
CA LEU A 21 -4.37 -3.86 -1.45
C LEU A 21 -5.34 -3.05 -2.30
N ARG A 22 -5.68 -1.85 -1.82
CA ARG A 22 -6.60 -0.98 -2.54
C ARG A 22 -5.84 0.08 -3.33
N LEU A 23 -4.53 0.13 -3.11
CA LEU A 23 -3.69 1.11 -3.81
C LEU A 23 -2.86 0.44 -4.89
N ILE A 24 -2.63 -0.87 -4.74
CA ILE A 24 -1.87 -1.63 -5.73
C ILE A 24 -2.78 -2.31 -6.73
N GLN A 25 -4.05 -2.43 -6.39
CA GLN A 25 -5.03 -3.06 -7.28
C GLN A 25 -5.90 -2.01 -7.96
N PHE A 26 -5.85 -0.79 -7.45
CA PHE A 26 -6.64 0.31 -8.01
C PHE A 26 -6.25 0.57 -9.47
N SER A 27 -4.96 0.41 -9.76
CA SER A 27 -4.45 0.63 -11.12
C SER A 27 -4.84 -0.52 -12.03
N GLU A 28 -4.93 -1.72 -11.46
CA GLU A 28 -5.28 -2.91 -12.23
C GLU A 28 -5.88 -3.98 -11.33
N PRO A 1 10.38 6.63 -6.18
CA PRO A 1 11.41 5.60 -6.05
C PRO A 1 11.32 4.86 -4.72
N VAL A 2 11.28 5.61 -3.63
CA VAL A 2 11.18 5.03 -2.30
C VAL A 2 9.99 5.59 -1.52
N PHE A 3 9.31 6.55 -2.13
CA PHE A 3 8.15 7.18 -1.50
C PHE A 3 6.92 6.30 -1.62
N VAL A 4 6.88 5.50 -2.68
CA VAL A 4 5.75 4.60 -2.92
C VAL A 4 5.96 3.26 -2.24
N SER A 5 7.21 2.78 -2.25
CA SER A 5 7.54 1.50 -1.63
C SER A 5 7.36 1.57 -0.12
N VAL A 6 7.56 2.75 0.44
CA VAL A 6 7.41 2.94 1.88
C VAL A 6 5.95 3.09 2.28
N TYR A 7 5.12 3.53 1.32
CA TYR A 7 3.70 3.72 1.56
C TYR A 7 2.91 2.45 1.21
N LEU A 8 3.48 1.65 0.32
CA LEU A 8 2.82 0.42 -0.11
C LEU A 8 3.30 -0.76 0.75
N ASN A 9 4.30 -0.52 1.58
CA ASN A 9 4.84 -1.56 2.46
C ASN A 9 4.25 -1.45 3.86
N ARG A 10 4.21 -0.23 4.38
CA ARG A 10 3.67 0.02 5.71
C ARG A 10 2.15 -0.10 5.71
N SER A 11 1.56 -0.08 4.53
CA SER A 11 0.11 -0.18 4.39
C SER A 11 -0.36 -1.60 4.67
N TRP A 12 0.49 -2.58 4.38
CA TRP A 12 0.16 -3.98 4.59
C TRP A 12 -0.34 -4.21 6.01
N LEU A 13 0.35 -3.60 6.99
CA LEU A 13 -0.02 -3.74 8.39
C LEU A 13 -0.60 -2.44 8.92
N GLY A 14 -0.53 -1.39 8.11
CA GLY A 14 -1.07 -0.10 8.51
C GLY A 14 -2.57 -0.04 8.43
N LEU A 15 -3.16 -0.90 7.59
CA LEU A 15 -4.60 -0.94 7.42
C LEU A 15 -5.09 -2.36 7.16
N ARG A 16 -4.43 -3.32 7.80
CA ARG A 16 -4.80 -4.73 7.65
C ARG A 16 -4.91 -5.10 6.16
N PHE A 17 -3.96 -4.62 5.37
CA PHE A 17 -3.96 -4.90 3.94
C PHE A 17 -5.14 -4.21 3.24
N LEU A 18 -5.40 -2.97 3.63
CA LEU A 18 -6.50 -2.21 3.04
C LEU A 18 -5.99 -0.91 2.42
N ARG A 19 -4.93 -0.36 2.99
CA ARG A 19 -4.35 0.88 2.48
C ARG A 19 -3.49 0.61 1.25
N ALA A 20 -3.03 -0.63 1.11
CA ALA A 20 -2.21 -1.02 -0.03
C ALA A 20 -3.03 -1.75 -1.08
N LEU A 21 -3.93 -2.62 -0.62
CA LEU A 21 -4.78 -3.38 -1.53
C LEU A 21 -5.65 -2.46 -2.37
N ARG A 22 -5.78 -1.21 -1.93
CA ARG A 22 -6.58 -0.23 -2.64
C ARG A 22 -5.71 0.62 -3.57
N LEU A 23 -4.40 0.48 -3.43
CA LEU A 23 -3.46 1.23 -4.25
C LEU A 23 -2.83 0.35 -5.32
N ILE A 24 -2.83 -0.97 -5.06
CA ILE A 24 -2.27 -1.93 -6.01
C ILE A 24 -3.35 -2.48 -6.93
N GLN A 25 -4.60 -2.34 -6.52
CA GLN A 25 -5.72 -2.83 -7.32
C GLN A 25 -6.41 -1.68 -8.04
N PHE A 26 -6.10 -0.45 -7.63
CA PHE A 26 -6.70 0.73 -8.24
C PHE A 26 -6.34 0.81 -9.73
N SER A 27 -5.11 0.44 -10.06
CA SER A 27 -4.64 0.48 -11.43
C SER A 27 -4.45 -0.93 -11.98
N GLU A 28 -5.20 -1.88 -11.43
CA GLU A 28 -5.11 -3.27 -11.87
C GLU A 28 -6.47 -3.96 -11.76
N PRO A 1 11.62 4.75 -7.10
CA PRO A 1 10.39 5.10 -6.38
C PRO A 1 10.30 4.41 -5.02
N VAL A 2 10.49 5.19 -3.96
CA VAL A 2 10.43 4.66 -2.60
C VAL A 2 9.25 5.25 -1.83
N PHE A 3 8.77 6.40 -2.29
CA PHE A 3 7.65 7.07 -1.65
C PHE A 3 6.43 6.15 -1.58
N VAL A 4 6.26 5.34 -2.61
CA VAL A 4 5.14 4.42 -2.68
C VAL A 4 5.42 3.15 -1.86
N SER A 5 6.66 2.68 -1.93
CA SER A 5 7.06 1.48 -1.20
C SER A 5 6.98 1.70 0.30
N VAL A 6 7.18 2.94 0.72
CA VAL A 6 7.13 3.28 2.14
C VAL A 6 5.69 3.49 2.60
N TYR A 7 4.81 3.79 1.66
CA TYR A 7 3.41 4.01 1.97
C TYR A 7 2.61 2.72 1.83
N LEU A 8 3.10 1.81 0.99
CA LEU A 8 2.44 0.53 0.78
C LEU A 8 2.99 -0.54 1.70
N ASN A 9 4.07 -0.21 2.41
CA ASN A 9 4.70 -1.14 3.33
C ASN A 9 4.07 -1.05 4.72
N ARG A 10 4.07 0.16 5.28
CA ARG A 10 3.49 0.39 6.60
C ARG A 10 1.99 0.13 6.59
N SER A 11 1.36 0.34 5.45
CA SER A 11 -0.07 0.13 5.32
C SER A 11 -0.40 -1.36 5.28
N TRP A 12 0.58 -2.16 4.92
CA TRP A 12 0.41 -3.61 4.84
C TRP A 12 -0.03 -4.18 6.19
N LEU A 13 0.57 -3.68 7.25
CA LEU A 13 0.25 -4.14 8.60
C LEU A 13 -0.44 -3.04 9.40
N GLY A 14 -0.47 -1.83 8.84
CA GLY A 14 -1.10 -0.71 9.51
C GLY A 14 -2.60 -0.67 9.28
N LEU A 15 -3.05 -1.32 8.22
CA LEU A 15 -4.47 -1.36 7.88
C LEU A 15 -4.91 -2.77 7.51
N ARG A 16 -4.20 -3.77 8.03
CA ARG A 16 -4.51 -5.16 7.75
C ARG A 16 -4.43 -5.45 6.25
N PHE A 17 -3.56 -4.72 5.57
CA PHE A 17 -3.39 -4.90 4.13
C PHE A 17 -4.62 -4.42 3.37
N LEU A 18 -5.15 -3.26 3.76
CA LEU A 18 -6.33 -2.70 3.13
C LEU A 18 -6.02 -1.35 2.50
N ARG A 19 -5.21 -0.56 3.19
CA ARG A 19 -4.84 0.77 2.71
C ARG A 19 -3.84 0.66 1.56
N ALA A 20 -3.15 -0.47 1.48
CA ALA A 20 -2.17 -0.70 0.43
C ALA A 20 -2.78 -1.49 -0.73
N LEU A 21 -3.56 -2.52 -0.39
CA LEU A 21 -4.20 -3.35 -1.40
C LEU A 21 -5.17 -2.53 -2.24
N ARG A 22 -5.54 -1.35 -1.75
CA ARG A 22 -6.46 -0.48 -2.45
C ARG A 22 -5.71 0.56 -3.28
N LEU A 23 -4.40 0.65 -3.05
CA LEU A 23 -3.56 1.60 -3.77
C LEU A 23 -2.71 0.89 -4.83
N ILE A 24 -2.51 -0.40 -4.64
CA ILE A 24 -1.73 -1.20 -5.58
C ILE A 24 -2.62 -1.92 -6.57
N GLN A 25 -3.91 -2.00 -6.26
CA GLN A 25 -4.87 -2.67 -7.12
C GLN A 25 -5.76 -1.65 -7.84
N PHE A 26 -5.73 -0.41 -7.35
CA PHE A 26 -6.54 0.66 -7.94
C PHE A 26 -5.94 1.12 -9.27
N SER A 27 -4.62 0.97 -9.41
CA SER A 27 -3.92 1.37 -10.62
C SER A 27 -3.91 0.23 -11.64
N GLU A 28 -3.88 -1.01 -11.14
CA GLU A 28 -3.86 -2.17 -12.00
C GLU A 28 -5.19 -2.92 -11.92
N PRO A 1 11.00 8.89 -5.71
CA PRO A 1 10.73 7.51 -5.33
C PRO A 1 10.81 7.30 -3.82
N VAL A 2 10.70 6.04 -3.39
CA VAL A 2 10.76 5.71 -1.98
C VAL A 2 9.58 6.30 -1.22
N PHE A 3 8.57 6.72 -1.97
CA PHE A 3 7.37 7.32 -1.37
C PHE A 3 6.16 6.40 -1.57
N VAL A 4 6.28 5.48 -2.52
CA VAL A 4 5.19 4.56 -2.82
C VAL A 4 5.45 3.20 -2.20
N SER A 5 6.68 2.71 -2.33
CA SER A 5 7.06 1.41 -1.78
C SER A 5 6.98 1.43 -0.25
N VAL A 6 7.16 2.60 0.34
CA VAL A 6 7.10 2.76 1.79
C VAL A 6 5.66 2.91 2.27
N TYR A 7 4.78 3.34 1.37
CA TYR A 7 3.38 3.53 1.70
C TYR A 7 2.57 2.28 1.36
N LEU A 8 3.07 1.50 0.41
CA LEU A 8 2.39 0.27 0.00
C LEU A 8 2.93 -0.94 0.77
N ASN A 9 3.98 -0.72 1.55
CA ASN A 9 4.59 -1.79 2.33
C ASN A 9 4.05 -1.78 3.76
N ARG A 10 4.13 -0.63 4.42
CA ARG A 10 3.66 -0.49 5.79
C ARG A 10 2.13 -0.59 5.85
N SER A 11 1.49 -0.43 4.70
CA SER A 11 0.04 -0.49 4.61
C SER A 11 -0.45 -1.93 4.81
N TRP A 12 0.39 -2.88 4.45
CA TRP A 12 0.04 -4.30 4.59
C TRP A 12 -0.45 -4.60 5.99
N LEU A 13 0.27 -4.10 6.99
CA LEU A 13 -0.09 -4.32 8.38
C LEU A 13 -0.62 -3.04 9.01
N GLY A 14 -0.52 -1.94 8.28
CA GLY A 14 -1.00 -0.66 8.79
C GLY A 14 -2.50 -0.52 8.67
N LEU A 15 -3.10 -1.30 7.79
CA LEU A 15 -4.55 -1.25 7.59
C LEU A 15 -5.10 -2.65 7.30
N ARG A 16 -4.49 -3.66 7.91
CA ARG A 16 -4.92 -5.03 7.71
C ARG A 16 -5.09 -5.35 6.22
N PHE A 17 -4.14 -4.89 5.42
CA PHE A 17 -4.18 -5.12 3.99
C PHE A 17 -5.36 -4.39 3.35
N LEU A 18 -5.53 -3.13 3.72
CA LEU A 18 -6.62 -2.31 3.18
C LEU A 18 -6.08 -1.03 2.56
N ARG A 19 -5.05 -0.47 3.17
CA ARG A 19 -4.44 0.76 2.68
C ARG A 19 -3.51 0.48 1.51
N ALA A 20 -3.14 -0.79 1.35
CA ALA A 20 -2.26 -1.18 0.26
C ALA A 20 -3.02 -1.91 -0.83
N LEU A 21 -3.95 -2.76 -0.43
CA LEU A 21 -4.77 -3.52 -1.38
C LEU A 21 -5.56 -2.59 -2.28
N ARG A 22 -5.71 -1.34 -1.85
CA ARG A 22 -6.45 -0.36 -2.62
C ARG A 22 -5.50 0.51 -3.45
N LEU A 23 -4.20 0.32 -3.23
CA LEU A 23 -3.19 1.09 -3.95
C LEU A 23 -2.43 0.20 -4.93
N ILE A 24 -2.48 -1.11 -4.70
CA ILE A 24 -1.81 -2.06 -5.57
C ILE A 24 -2.78 -2.69 -6.56
N GLN A 25 -4.07 -2.53 -6.29
CA GLN A 25 -5.11 -3.08 -7.16
C GLN A 25 -5.84 -1.98 -7.91
N PHE A 26 -5.64 -0.74 -7.45
CA PHE A 26 -6.30 0.41 -8.07
C PHE A 26 -5.58 0.81 -9.36
N SER A 27 -4.27 0.55 -9.41
CA SER A 27 -3.48 0.89 -10.58
C SER A 27 -3.61 -0.17 -11.66
N GLU A 28 -3.87 -1.41 -11.25
CA GLU A 28 -4.03 -2.51 -12.19
C GLU A 28 -5.50 -2.68 -12.58
N PRO A 1 11.80 5.72 -6.94
CA PRO A 1 10.62 6.09 -6.15
C PRO A 1 10.49 5.25 -4.88
N VAL A 2 10.63 5.90 -3.73
CA VAL A 2 10.52 5.21 -2.44
C VAL A 2 9.31 5.70 -1.65
N PHE A 3 8.84 6.89 -1.99
CA PHE A 3 7.69 7.48 -1.31
C PHE A 3 6.47 6.57 -1.44
N VAL A 4 6.44 5.79 -2.51
CA VAL A 4 5.32 4.87 -2.76
C VAL A 4 5.56 3.52 -2.08
N SER A 5 6.81 3.06 -2.14
CA SER A 5 7.18 1.77 -1.54
C SER A 5 7.02 1.82 -0.03
N VAL A 6 7.19 3.00 0.55
CA VAL A 6 7.07 3.18 1.99
C VAL A 6 5.61 3.32 2.40
N TYR A 7 4.77 3.74 1.46
CA TYR A 7 3.35 3.91 1.72
C TYR A 7 2.57 2.65 1.38
N LEU A 8 3.12 1.85 0.47
CA LEU A 8 2.47 0.61 0.06
C LEU A 8 2.99 -0.57 0.88
N ASN A 9 4.00 -0.32 1.69
CA ASN A 9 4.58 -1.36 2.53
C ASN A 9 4.00 -1.31 3.94
N ARG A 10 3.95 -0.11 4.52
CA ARG A 10 3.42 0.07 5.86
C ARG A 10 1.91 -0.12 5.87
N SER A 11 1.29 -0.01 4.71
CA SER A 11 -0.15 -0.16 4.58
C SER A 11 -0.57 -1.61 4.80
N TRP A 12 0.34 -2.53 4.49
CA TRP A 12 0.07 -3.96 4.67
C TRP A 12 -0.47 -4.25 6.06
N LEU A 13 0.18 -3.67 7.07
CA LEU A 13 -0.23 -3.87 8.46
C LEU A 13 -0.85 -2.60 9.03
N GLY A 14 -0.77 -1.52 8.26
CA GLY A 14 -1.32 -0.26 8.71
C GLY A 14 -2.82 -0.18 8.54
N LEU A 15 -3.36 -1.02 7.66
CA LEU A 15 -4.79 -1.05 7.39
C LEU A 15 -5.26 -2.48 7.11
N ARG A 16 -4.61 -3.44 7.74
CA ARG A 16 -4.97 -4.85 7.56
C ARG A 16 -5.05 -5.19 6.07
N PHE A 17 -4.10 -4.68 5.29
CA PHE A 17 -4.07 -4.94 3.87
C PHE A 17 -5.26 -4.27 3.17
N LEU A 18 -5.54 -3.03 3.55
CA LEU A 18 -6.64 -2.27 2.97
C LEU A 18 -6.15 -0.97 2.36
N ARG A 19 -5.12 -0.39 2.98
CA ARG A 19 -4.56 0.86 2.50
C ARG A 19 -3.60 0.62 1.33
N ALA A 20 -3.18 -0.63 1.18
CA ALA A 20 -2.27 -1.01 0.10
C ALA A 20 -3.00 -1.75 -1.00
N LEU A 21 -3.91 -2.64 -0.61
CA LEU A 21 -4.67 -3.43 -1.57
C LEU A 21 -5.52 -2.53 -2.46
N ARG A 22 -5.73 -1.29 -2.02
CA ARG A 22 -6.52 -0.33 -2.77
C ARG A 22 -5.63 0.61 -3.57
N LEU A 23 -4.32 0.49 -3.36
CA LEU A 23 -3.36 1.33 -4.06
C LEU A 23 -2.52 0.51 -5.03
N ILE A 24 -2.50 -0.80 -4.83
CA ILE A 24 -1.75 -1.70 -5.69
C ILE A 24 -2.66 -2.39 -6.70
N GLN A 25 -3.97 -2.32 -6.45
CA GLN A 25 -4.94 -2.95 -7.34
C GLN A 25 -5.75 -1.88 -8.08
N PHE A 26 -5.66 -0.65 -7.61
CA PHE A 26 -6.38 0.46 -8.23
C PHE A 26 -5.78 0.82 -9.59
N SER A 27 -4.48 0.60 -9.71
CA SER A 27 -3.77 0.90 -10.96
C SER A 27 -3.95 -0.22 -11.97
N GLU A 28 -3.83 -1.46 -11.50
CA GLU A 28 -3.98 -2.62 -12.37
C GLU A 28 -4.78 -3.73 -11.68
N PRO A 1 10.78 5.06 -6.66
CA PRO A 1 10.23 6.01 -5.68
C PRO A 1 10.04 5.38 -4.31
N VAL A 2 11.03 5.55 -3.45
CA VAL A 2 10.98 5.01 -2.09
C VAL A 2 9.75 5.53 -1.35
N PHE A 3 9.24 6.68 -1.78
CA PHE A 3 8.07 7.27 -1.16
C PHE A 3 6.85 6.39 -1.31
N VAL A 4 6.81 5.62 -2.39
CA VAL A 4 5.70 4.72 -2.67
C VAL A 4 5.92 3.36 -2.02
N SER A 5 7.18 2.93 -1.96
CA SER A 5 7.54 1.65 -1.37
C SER A 5 7.33 1.67 0.13
N VAL A 6 7.46 2.85 0.73
CA VAL A 6 7.29 3.02 2.16
C VAL A 6 5.82 3.19 2.52
N TYR A 7 5.02 3.62 1.55
CA TYR A 7 3.59 3.82 1.77
C TYR A 7 2.80 2.56 1.40
N LEU A 8 3.37 1.76 0.51
CA LEU A 8 2.71 0.52 0.08
C LEU A 8 3.20 -0.67 0.91
N ASN A 9 4.20 -0.43 1.75
CA ASN A 9 4.76 -1.48 2.59
C ASN A 9 4.15 -1.43 3.99
N ARG A 10 4.16 -0.24 4.60
CA ARG A 10 3.62 -0.06 5.93
C ARG A 10 2.09 -0.18 5.92
N SER A 11 1.51 -0.06 4.73
CA SER A 11 0.06 -0.15 4.59
C SER A 11 -0.42 -1.58 4.82
N TRP A 12 0.43 -2.53 4.50
CA TRP A 12 0.10 -3.94 4.67
C TRP A 12 -0.42 -4.22 6.08
N LEU A 13 0.26 -3.66 7.07
CA LEU A 13 -0.14 -3.84 8.46
C LEU A 13 -0.73 -2.56 9.03
N GLY A 14 -0.65 -1.48 8.26
CA GLY A 14 -1.19 -0.22 8.70
C GLY A 14 -2.70 -0.15 8.61
N LEU A 15 -3.27 -0.99 7.74
CA LEU A 15 -4.71 -1.03 7.54
C LEU A 15 -5.19 -2.44 7.25
N ARG A 16 -4.54 -3.42 7.88
CA ARG A 16 -4.90 -4.82 7.69
C ARG A 16 -5.00 -5.15 6.21
N PHE A 17 -4.05 -4.66 5.42
CA PHE A 17 -4.04 -4.90 3.99
C PHE A 17 -5.21 -4.21 3.30
N LEU A 18 -5.45 -2.96 3.69
CA LEU A 18 -6.54 -2.18 3.11
C LEU A 18 -6.02 -0.87 2.51
N ARG A 19 -4.98 -0.32 3.12
CA ARG A 19 -4.39 0.92 2.64
C ARG A 19 -3.46 0.67 1.45
N ALA A 20 -3.05 -0.58 1.29
CA ALA A 20 -2.17 -0.95 0.19
C ALA A 20 -2.94 -1.70 -0.90
N LEU A 21 -3.85 -2.58 -0.49
CA LEU A 21 -4.65 -3.35 -1.42
C LEU A 21 -5.49 -2.43 -2.32
N ARG A 22 -5.65 -1.19 -1.88
CA ARG A 22 -6.44 -0.22 -2.63
C ARG A 22 -5.52 0.69 -3.46
N LEU A 23 -4.22 0.54 -3.26
CA LEU A 23 -3.23 1.33 -4.00
C LEU A 23 -2.44 0.47 -4.98
N ILE A 24 -2.47 -0.84 -4.75
CA ILE A 24 -1.76 -1.77 -5.61
C ILE A 24 -2.70 -2.43 -6.61
N GLN A 25 -4.00 -2.32 -6.33
CA GLN A 25 -5.01 -2.90 -7.21
C GLN A 25 -5.77 -1.82 -7.98
N PHE A 26 -5.60 -0.57 -7.55
CA PHE A 26 -6.26 0.56 -8.19
C PHE A 26 -5.75 0.75 -9.61
N SER A 27 -4.47 0.45 -9.81
CA SER A 27 -3.85 0.60 -11.12
C SER A 27 -3.56 -0.77 -11.75
N GLU A 28 -4.34 -1.76 -11.36
CA GLU A 28 -4.18 -3.11 -11.88
C GLU A 28 -2.77 -3.64 -11.56
N PRO A 1 11.23 4.13 -6.24
CA PRO A 1 10.08 4.57 -5.43
C PRO A 1 10.34 4.45 -3.94
N VAL A 2 10.39 5.59 -3.26
CA VAL A 2 10.64 5.61 -1.82
C VAL A 2 9.43 6.16 -1.06
N PHE A 3 8.58 6.90 -1.78
CA PHE A 3 7.40 7.50 -1.17
C PHE A 3 6.17 6.62 -1.43
N VAL A 4 6.33 5.60 -2.27
CA VAL A 4 5.25 4.70 -2.60
C VAL A 4 5.47 3.33 -1.96
N SER A 5 6.70 2.84 -2.04
CA SER A 5 7.04 1.53 -1.47
C SER A 5 6.91 1.55 0.06
N VAL A 6 7.09 2.74 0.64
CA VAL A 6 6.99 2.88 2.09
C VAL A 6 5.54 3.07 2.53
N TYR A 7 4.70 3.52 1.59
CA TYR A 7 3.30 3.74 1.88
C TYR A 7 2.47 2.51 1.51
N LEU A 8 2.98 1.71 0.59
CA LEU A 8 2.29 0.49 0.16
C LEU A 8 2.78 -0.72 0.94
N ASN A 9 3.81 -0.52 1.75
CA ASN A 9 4.37 -1.60 2.55
C ASN A 9 3.79 -1.59 3.96
N ARG A 10 3.86 -0.44 4.62
CA ARG A 10 3.34 -0.31 5.97
C ARG A 10 1.82 -0.39 5.98
N SER A 11 1.22 -0.20 4.81
CA SER A 11 -0.24 -0.25 4.69
C SER A 11 -0.75 -1.68 4.86
N TRP A 12 0.09 -2.65 4.52
CA TRP A 12 -0.28 -4.05 4.64
C TRP A 12 -0.82 -4.36 6.03
N LEU A 13 -0.13 -3.87 7.05
CA LEU A 13 -0.55 -4.09 8.43
C LEU A 13 -1.09 -2.80 9.05
N GLY A 14 -0.96 -1.69 8.31
CA GLY A 14 -1.44 -0.41 8.80
C GLY A 14 -2.94 -0.27 8.64
N LEU A 15 -3.52 -1.03 7.73
CA LEU A 15 -4.95 -0.97 7.48
C LEU A 15 -5.50 -2.36 7.17
N ARG A 16 -4.92 -3.38 7.79
CA ARG A 16 -5.35 -4.76 7.58
C ARG A 16 -5.46 -5.07 6.09
N PHE A 17 -4.47 -4.63 5.33
CA PHE A 17 -4.45 -4.86 3.88
C PHE A 17 -5.59 -4.12 3.20
N LEU A 18 -5.78 -2.86 3.58
CA LEU A 18 -6.84 -2.03 3.00
C LEU A 18 -6.26 -0.75 2.41
N ARG A 19 -5.24 -0.21 3.06
CA ARG A 19 -4.60 1.02 2.61
C ARG A 19 -3.64 0.74 1.47
N ALA A 20 -3.27 -0.53 1.30
CA ALA A 20 -2.35 -0.93 0.25
C ALA A 20 -3.09 -1.65 -0.88
N LEU A 21 -4.04 -2.50 -0.52
CA LEU A 21 -4.82 -3.25 -1.49
C LEU A 21 -5.58 -2.31 -2.43
N ARG A 22 -5.73 -1.06 -1.99
CA ARG A 22 -6.43 -0.06 -2.78
C ARG A 22 -5.45 0.81 -3.56
N LEU A 23 -4.16 0.61 -3.31
CA LEU A 23 -3.12 1.38 -3.97
C LEU A 23 -2.33 0.50 -4.93
N ILE A 24 -2.40 -0.81 -4.71
CA ILE A 24 -1.69 -1.77 -5.56
C ILE A 24 -2.63 -2.40 -6.58
N GLN A 25 -3.93 -2.24 -6.36
CA GLN A 25 -4.93 -2.79 -7.27
C GLN A 25 -5.64 -1.69 -8.03
N PHE A 26 -5.46 -0.45 -7.58
CA PHE A 26 -6.10 0.70 -8.21
C PHE A 26 -5.34 1.10 -9.48
N SER A 27 -4.04 0.86 -9.48
CA SER A 27 -3.20 1.20 -10.62
C SER A 27 -2.94 -0.03 -11.50
N GLU A 28 -2.97 -1.20 -10.88
CA GLU A 28 -2.74 -2.44 -11.59
C GLU A 28 -4.05 -3.02 -12.14
N PRO A 1 9.49 7.03 -5.91
CA PRO A 1 9.70 5.58 -5.73
C PRO A 1 9.77 5.20 -4.25
N VAL A 2 10.60 5.92 -3.50
CA VAL A 2 10.76 5.64 -2.07
C VAL A 2 9.58 6.20 -1.28
N PHE A 3 8.66 6.86 -1.96
CA PHE A 3 7.49 7.44 -1.32
C PHE A 3 6.27 6.53 -1.49
N VAL A 4 6.35 5.61 -2.45
CA VAL A 4 5.26 4.68 -2.72
C VAL A 4 5.53 3.32 -2.09
N SER A 5 6.77 2.87 -2.17
CA SER A 5 7.16 1.57 -1.62
C SER A 5 7.06 1.59 -0.10
N VAL A 6 7.23 2.77 0.50
CA VAL A 6 7.16 2.92 1.95
C VAL A 6 5.72 3.07 2.41
N TYR A 7 4.85 3.49 1.50
CA TYR A 7 3.44 3.67 1.81
C TYR A 7 2.63 2.43 1.46
N LEU A 8 3.16 1.64 0.53
CA LEU A 8 2.48 0.42 0.10
C LEU A 8 3.01 -0.78 0.87
N ASN A 9 4.06 -0.57 1.66
CA ASN A 9 4.66 -1.63 2.45
C ASN A 9 4.09 -1.65 3.87
N ARG A 10 4.16 -0.50 4.54
CA ARG A 10 3.66 -0.37 5.90
C ARG A 10 2.13 -0.48 5.93
N SER A 11 1.51 -0.31 4.77
CA SER A 11 0.06 -0.39 4.68
C SER A 11 -0.42 -1.83 4.85
N TRP A 12 0.43 -2.78 4.50
CA TRP A 12 0.10 -4.19 4.62
C TRP A 12 -0.42 -4.51 6.02
N LEU A 13 0.29 -4.00 7.03
CA LEU A 13 -0.10 -4.23 8.42
C LEU A 13 -0.66 -2.96 9.05
N GLY A 14 -0.56 -1.85 8.31
CA GLY A 14 -1.07 -0.59 8.81
C GLY A 14 -2.57 -0.47 8.67
N LEU A 15 -3.15 -1.24 7.77
CA LEU A 15 -4.59 -1.22 7.54
C LEU A 15 -5.12 -2.62 7.24
N ARG A 16 -4.50 -3.63 7.86
CA ARG A 16 -4.90 -5.01 7.66
C ARG A 16 -5.04 -5.33 6.18
N PHE A 17 -4.07 -4.86 5.39
CA PHE A 17 -4.08 -5.10 3.95
C PHE A 17 -5.24 -4.38 3.28
N LEU A 18 -5.45 -3.12 3.66
CA LEU A 18 -6.53 -2.32 3.10
C LEU A 18 -6.00 -1.02 2.51
N ARG A 19 -4.98 -0.46 3.13
CA ARG A 19 -4.37 0.78 2.67
C ARG A 19 -3.41 0.52 1.51
N ALA A 20 -3.03 -0.74 1.35
CA ALA A 20 -2.11 -1.13 0.28
C ALA A 20 -2.85 -1.86 -0.83
N LEU A 21 -3.77 -2.73 -0.45
CA LEU A 21 -4.55 -3.50 -1.42
C LEU A 21 -5.35 -2.59 -2.34
N ARG A 22 -5.53 -1.33 -1.91
CA ARG A 22 -6.26 -0.36 -2.69
C ARG A 22 -5.31 0.53 -3.49
N LEU A 23 -4.02 0.37 -3.25
CA LEU A 23 -3.01 1.15 -3.95
C LEU A 23 -2.20 0.28 -4.91
N ILE A 24 -2.24 -1.02 -4.69
CA ILE A 24 -1.53 -1.97 -5.54
C ILE A 24 -2.46 -2.63 -6.54
N GLN A 25 -3.77 -2.50 -6.30
CA GLN A 25 -4.76 -3.07 -7.19
C GLN A 25 -5.53 -1.98 -7.94
N PHE A 26 -5.36 -0.74 -7.50
CA PHE A 26 -6.03 0.39 -8.14
C PHE A 26 -5.31 0.80 -9.41
N SER A 27 -4.00 0.58 -9.44
CA SER A 27 -3.19 0.94 -10.59
C SER A 27 -3.43 -0.03 -11.75
N GLU A 28 -3.46 -1.32 -11.43
CA GLU A 28 -3.69 -2.35 -12.43
C GLU A 28 -2.68 -2.23 -13.57
N PRO A 1 9.98 6.43 -6.04
CA PRO A 1 11.13 5.54 -5.80
C PRO A 1 11.15 4.98 -4.38
N VAL A 2 11.03 5.87 -3.40
CA VAL A 2 11.04 5.46 -2.00
C VAL A 2 9.81 5.99 -1.27
N PHE A 3 8.99 6.77 -1.98
CA PHE A 3 7.79 7.35 -1.39
C PHE A 3 6.61 6.39 -1.54
N VAL A 4 6.69 5.50 -2.52
CA VAL A 4 5.63 4.53 -2.77
C VAL A 4 5.92 3.21 -2.07
N SER A 5 7.20 2.83 -2.02
CA SER A 5 7.61 1.59 -1.38
C SER A 5 7.36 1.64 0.13
N VAL A 6 7.46 2.85 0.69
CA VAL A 6 7.25 3.04 2.12
C VAL A 6 5.77 3.13 2.45
N TYR A 7 4.96 3.50 1.46
CA TYR A 7 3.53 3.63 1.64
C TYR A 7 2.81 2.32 1.29
N LEU A 8 3.45 1.53 0.44
CA LEU A 8 2.88 0.25 0.01
C LEU A 8 3.32 -0.87 0.95
N ASN A 9 4.30 -0.58 1.79
CA ASN A 9 4.81 -1.57 2.74
C ASN A 9 4.10 -1.45 4.08
N ARG A 10 4.09 -0.24 4.64
CA ARG A 10 3.45 0.02 5.92
C ARG A 10 1.94 -0.10 5.80
N SER A 11 1.45 -0.16 4.56
CA SER A 11 0.01 -0.27 4.31
C SER A 11 -0.49 -1.66 4.65
N TRP A 12 0.36 -2.66 4.45
CA TRP A 12 0.00 -4.05 4.73
C TRP A 12 -0.57 -4.18 6.14
N LEU A 13 0.07 -3.53 7.10
CA LEU A 13 -0.37 -3.58 8.49
C LEU A 13 -1.03 -2.26 8.90
N GLY A 14 -0.94 -1.26 8.02
CA GLY A 14 -1.52 0.03 8.30
C GLY A 14 -3.04 0.00 8.24
N LEU A 15 -3.58 -0.90 7.43
CA LEU A 15 -5.03 -1.02 7.28
C LEU A 15 -5.42 -2.46 7.00
N ARG A 16 -4.79 -3.39 7.72
CA ARG A 16 -5.08 -4.81 7.55
C ARG A 16 -5.10 -5.20 6.08
N PHE A 17 -4.12 -4.70 5.34
CA PHE A 17 -4.01 -4.99 3.91
C PHE A 17 -5.17 -4.34 3.14
N LEU A 18 -5.50 -3.12 3.52
CA LEU A 18 -6.59 -2.39 2.86
C LEU A 18 -6.09 -1.09 2.27
N ARG A 19 -5.04 -0.52 2.87
CA ARG A 19 -4.46 0.72 2.40
C ARG A 19 -3.56 0.48 1.19
N ALA A 20 -3.08 -0.75 1.05
CA ALA A 20 -2.22 -1.11 -0.06
C ALA A 20 -3.00 -1.81 -1.16
N LEU A 21 -3.90 -2.71 -0.76
CA LEU A 21 -4.72 -3.46 -1.71
C LEU A 21 -5.57 -2.51 -2.55
N ARG A 22 -5.73 -1.28 -2.07
CA ARG A 22 -6.52 -0.28 -2.78
C ARG A 22 -5.63 0.61 -3.64
N LEU A 23 -4.32 0.46 -3.47
CA LEU A 23 -3.36 1.27 -4.23
C LEU A 23 -2.66 0.40 -5.29
N ILE A 24 -2.66 -0.91 -5.06
CA ILE A 24 -2.04 -1.84 -6.00
C ILE A 24 -3.06 -2.43 -6.96
N GLN A 25 -4.33 -2.31 -6.60
CA GLN A 25 -5.40 -2.83 -7.44
C GLN A 25 -6.13 -1.71 -8.17
N PHE A 26 -5.89 -0.47 -7.73
CA PHE A 26 -6.52 0.69 -8.34
C PHE A 26 -6.10 0.84 -9.80
N SER A 27 -4.85 0.50 -10.09
CA SER A 27 -4.34 0.59 -11.45
C SER A 27 -4.84 -0.56 -12.30
N GLU A 28 -5.09 -1.70 -11.67
CA GLU A 28 -5.57 -2.88 -12.37
C GLU A 28 -7.10 -2.87 -12.46
N PRO A 1 12.96 6.35 -5.71
CA PRO A 1 11.58 6.45 -5.21
C PRO A 1 11.34 5.59 -3.98
N VAL A 2 11.41 6.20 -2.81
CA VAL A 2 11.20 5.49 -1.56
C VAL A 2 9.95 5.99 -0.84
N PHE A 3 9.36 7.06 -1.38
CA PHE A 3 8.15 7.64 -0.79
C PHE A 3 6.94 6.78 -1.09
N VAL A 4 7.09 5.84 -2.03
CA VAL A 4 6.01 4.95 -2.41
C VAL A 4 6.20 3.56 -1.82
N SER A 5 7.45 3.17 -1.65
CA SER A 5 7.77 1.86 -1.09
C SER A 5 7.52 1.83 0.41
N VAL A 6 7.63 2.99 1.06
CA VAL A 6 7.40 3.09 2.49
C VAL A 6 5.91 3.20 2.81
N TYR A 7 5.14 3.69 1.85
CA TYR A 7 3.71 3.85 2.02
C TYR A 7 2.96 2.61 1.53
N LEU A 8 3.59 1.87 0.62
CA LEU A 8 2.98 0.67 0.07
C LEU A 8 3.41 -0.57 0.85
N ASN A 9 4.36 -0.38 1.76
CA ASN A 9 4.85 -1.48 2.59
C ASN A 9 4.23 -1.45 3.97
N ARG A 10 4.12 -0.25 4.54
CA ARG A 10 3.53 -0.08 5.87
C ARG A 10 2.01 -0.21 5.80
N SER A 11 1.46 -0.14 4.60
CA SER A 11 0.02 -0.24 4.41
C SER A 11 -0.46 -1.68 4.61
N TRP A 12 0.39 -2.63 4.24
CA TRP A 12 0.05 -4.05 4.38
C TRP A 12 -0.43 -4.35 5.80
N LEU A 13 0.27 -3.80 6.79
CA LEU A 13 -0.08 -4.02 8.19
C LEU A 13 -0.72 -2.77 8.78
N GLY A 14 -0.72 -1.68 8.03
CA GLY A 14 -1.30 -0.44 8.49
C GLY A 14 -2.81 -0.49 8.53
N LEU A 15 -3.39 -1.30 7.66
CA LEU A 15 -4.84 -1.43 7.59
C LEU A 15 -5.25 -2.87 7.23
N ARG A 16 -4.55 -3.83 7.81
CA ARG A 16 -4.83 -5.24 7.55
C ARG A 16 -4.95 -5.50 6.06
N PHE A 17 -4.05 -4.91 5.28
CA PHE A 17 -4.05 -5.08 3.83
C PHE A 17 -5.25 -4.39 3.20
N LEU A 18 -5.57 -3.19 3.69
CA LEU A 18 -6.70 -2.43 3.18
C LEU A 18 -6.24 -1.06 2.67
N ARG A 19 -5.18 -0.54 3.27
CA ARG A 19 -4.64 0.76 2.88
C ARG A 19 -3.76 0.63 1.64
N ALA A 20 -3.30 -0.59 1.37
CA ALA A 20 -2.44 -0.85 0.22
C ALA A 20 -3.21 -1.53 -0.90
N LEU A 21 -4.09 -2.45 -0.53
CA LEU A 21 -4.90 -3.18 -1.51
C LEU A 21 -5.82 -2.23 -2.27
N ARG A 22 -5.99 -1.02 -1.73
CA ARG A 22 -6.84 -0.03 -2.37
C ARG A 22 -6.00 1.01 -3.11
N LEU A 23 -4.68 0.88 -3.00
CA LEU A 23 -3.76 1.80 -3.67
C LEU A 23 -2.93 1.07 -4.71
N ILE A 24 -2.92 -0.27 -4.64
CA ILE A 24 -2.17 -1.08 -5.58
C ILE A 24 -3.09 -1.77 -6.57
N GLN A 25 -4.39 -1.73 -6.29
CA GLN A 25 -5.39 -2.35 -7.16
C GLN A 25 -6.23 -1.29 -7.86
N PHE A 26 -6.14 -0.05 -7.38
CA PHE A 26 -6.90 1.05 -7.97
C PHE A 26 -6.43 1.33 -9.39
N SER A 27 -5.20 0.94 -9.69
CA SER A 27 -4.64 1.16 -11.02
C SER A 27 -4.40 -0.17 -11.74
N GLU A 28 -3.81 -1.12 -11.02
CA GLU A 28 -3.54 -2.44 -11.58
C GLU A 28 -2.77 -2.32 -12.89
#